data_9GTN
#
_entry.id   9GTN
#
_cell.length_a   96.677
_cell.length_b   102.385
_cell.length_c   128.063
_cell.angle_alpha   90.00
_cell.angle_beta   90.00
_cell.angle_gamma   90.00
#
_symmetry.space_group_name_H-M   'P 21 21 21'
#
loop_
_entity.id
_entity.type
_entity.pdbx_description
1 polymer 'Lysosomal alpha-glucosidase'
2 branched 2-acetamido-2-deoxy-beta-D-glucopyranose-(1-4)-[alpha-L-fucopyranose-(1-6)]2-acetamido-2-deoxy-beta-D-glucopyranose
3 branched 2-acetamido-2-deoxy-beta-D-glucopyranose-(1-4)-2-acetamido-2-deoxy-beta-D-glucopyranose
4 branched beta-D-mannopyranose-(1-4)-2-acetamido-2-deoxy-beta-D-glucopyranose-(1-4)-2-acetamido-2-deoxy-beta-D-glucopyranose
5 non-polymer 1,2-ETHANEDIOL
6 non-polymer (2~{R},3~{R},4~{R},5~{S})-2-(2-hydroxyethyl)-2-(hydroxymethyl)piperidine-3,4,5-triol
7 non-polymer 'SULFATE ION'
8 non-polymer 'CHLORIDE ION'
9 non-polymer GLYCEROL
10 non-polymer 'TRIETHYLENE GLYCOL'
11 non-polymer DI(HYDROXYETHYL)ETHER
12 water water
#
_entity_poly.entity_id   1
_entity_poly.type   'polypeptide(L)'
_entity_poly.pdbx_seq_one_letter_code
;MGVRHPPCSHRLLAVCALVSLATAALLGHILLHDFLLVPRELSGSSPVLEETHPAHQQGASRPGPRDAQAHPGRPRAVPT
QCDVPPNSRFDCAPDKAITQEQCEARGCCYIPAKQGLQGAQMGQPWCFFPPSYPSYKLENLSSSEMGYTATLTRTTPTFF
PKDILTLRLDVMMETENRLHFTIKDPANRRYEVPLETPRVHSRAPSPLYSVEFSEEPFGVIVHRQLDGRVLLNTTVAPLF
FADQFLQLSTSLPSQYITGLAEHLSPLMLSTSWTRITLWNRDLAPTPGANLYGSHPFYLALEDGGSAHGVFLLNSNAMDV
VLQPSPALSWRSTGGILDVYIFLGPEPKSVVQQYLDVVGYPFMPPYWGLGFHLCRWGYSSTAITRQVVENMTRAHFPLDV
QWNDLDYMDSRRDFTFNKDGFRDFPAMVQELHQGGRRYMMIVDPAISSSGPAGSYRPYDEGLRRGVFITNETGQPLIGKV
WPGSTAFPDFTNPTALAWWEDMVAEFHDQVPFDGMWIDMNEPSNFIRGSEDGCPNNELENPPYVPGVVGGTLQAATICAS
SHQFLSTHYNLHNLYGLTEAIASHRALVKARGTRPFVISRSTFAGHGRYAGHWTGDVWSSWEQLASSVPEILQFNLLGVP
LVGADVCGFLGNTSEELCVRWTQLGAFYPFMRNHNSLLSLPQEPYSFSEPAQQAMRKALTLRYALLPHLYTLFHQAHVAG
ETVARPLFLEFPKDSSTWTVDHQLLWGEALLITPVLQAGKAEVTGYFPLGTWYDLQTVPIEALGSLPPPPAAPREPAIHS
EGQWVTLPAPLDTINVHLRAGYIIPLQGPGLTTTESRQQPMALAVALTKGGEARGELFWDDGESLEVLERGAYTQVIFLA
RNNTIVNELVRVTSEGAGLQLQKVTVLGVATAPQQVLSNGVPVSNFTYSPDTKVLDI(CSO)VSLLMGEQFLVSWC
;
_entity_poly.pdbx_strand_id   A
#
# COMPACT_ATOMS: atom_id res chain seq x y z
N GLN A 81 19.79 -27.05 -31.01
CA GLN A 81 20.24 -25.94 -30.11
C GLN A 81 19.21 -24.80 -30.13
N CYS A 82 18.42 -24.67 -31.19
CA CYS A 82 17.40 -23.61 -31.32
C CYS A 82 15.99 -24.19 -31.19
N ASP A 83 15.88 -25.46 -30.82
CA ASP A 83 14.59 -26.15 -30.55
C ASP A 83 14.15 -25.80 -29.13
N VAL A 84 13.75 -24.55 -28.92
CA VAL A 84 13.28 -24.05 -27.59
C VAL A 84 11.78 -23.83 -27.71
N PRO A 85 10.96 -24.42 -26.81
CA PRO A 85 9.52 -24.18 -26.83
C PRO A 85 9.24 -22.68 -26.82
N PRO A 86 8.28 -22.20 -27.64
CA PRO A 86 8.02 -20.77 -27.79
C PRO A 86 7.87 -20.00 -26.46
N ASN A 87 7.14 -20.53 -25.49
CA ASN A 87 6.82 -19.80 -24.23
C ASN A 87 8.07 -19.69 -23.35
N SER A 88 9.11 -20.45 -23.68
CA SER A 88 10.36 -20.62 -22.90
C SER A 88 11.52 -19.90 -23.60
N ARG A 89 11.22 -19.10 -24.60
CA ARG A 89 12.23 -18.28 -25.31
C ARG A 89 12.49 -17.00 -24.51
N PHE A 90 13.75 -16.77 -24.15
CA PHE A 90 14.17 -15.54 -23.46
C PHE A 90 14.83 -14.61 -24.49
N ASP A 91 14.46 -13.34 -24.43
CA ASP A 91 14.81 -12.30 -25.43
C ASP A 91 16.32 -12.06 -25.45
N CYS A 92 16.96 -12.33 -26.58
CA CYS A 92 18.39 -12.03 -26.85
C CYS A 92 18.53 -10.65 -27.49
N ALA A 93 17.44 -9.91 -27.71
CA ALA A 93 17.49 -8.53 -28.26
C ALA A 93 16.56 -7.62 -27.50
N PRO A 94 16.69 -7.53 -26.15
CA PRO A 94 15.85 -6.62 -25.37
C PRO A 94 16.23 -5.15 -25.59
N ASP A 95 17.40 -4.91 -26.17
CA ASP A 95 18.04 -3.58 -26.26
C ASP A 95 17.62 -2.82 -27.53
N LYS A 96 17.27 -3.51 -28.62
CA LYS A 96 17.02 -2.83 -29.92
C LYS A 96 16.34 -3.80 -30.89
N ALA A 97 15.71 -3.23 -31.93
CA ALA A 97 15.27 -3.98 -33.13
C ALA A 97 16.49 -4.64 -33.76
N ILE A 98 16.41 -5.91 -34.08
CA ILE A 98 17.56 -6.74 -34.54
C ILE A 98 17.16 -7.48 -35.83
N THR A 99 18.13 -7.80 -36.69
CA THR A 99 17.93 -8.60 -37.93
C THR A 99 18.35 -10.04 -37.63
N GLN A 100 17.93 -10.99 -38.45
CA GLN A 100 18.33 -12.41 -38.29
C GLN A 100 19.86 -12.49 -38.21
N GLU A 101 20.59 -11.74 -39.06
CA GLU A 101 22.07 -11.87 -39.16
C GLU A 101 22.71 -11.36 -37.86
N GLN A 102 22.33 -10.17 -37.41
CA GLN A 102 22.76 -9.57 -36.11
C GLN A 102 22.47 -10.54 -34.96
N CYS A 103 21.28 -11.17 -34.97
CA CYS A 103 20.81 -12.11 -33.91
C CYS A 103 21.74 -13.32 -33.88
N GLU A 104 22.00 -13.91 -35.05
CA GLU A 104 22.88 -15.10 -35.15
C GLU A 104 24.32 -14.67 -34.84
N ALA A 105 24.70 -13.43 -35.15
CA ALA A 105 26.05 -12.87 -34.86
C ALA A 105 26.25 -12.77 -33.33
N ARG A 106 25.16 -12.62 -32.57
CA ARG A 106 25.19 -12.52 -31.08
C ARG A 106 25.30 -13.91 -30.46
N GLY A 107 25.21 -14.96 -31.29
CA GLY A 107 25.18 -16.36 -30.83
C GLY A 107 23.78 -16.78 -30.39
N CYS A 108 22.77 -16.09 -30.92
CA CYS A 108 21.35 -16.34 -30.60
C CYS A 108 20.59 -16.98 -31.77
N CYS A 109 19.41 -17.51 -31.45
CA CYS A 109 18.48 -18.21 -32.35
C CYS A 109 17.46 -17.21 -32.91
N TYR A 110 17.22 -17.23 -34.22
CA TYR A 110 16.21 -16.37 -34.88
C TYR A 110 15.08 -17.25 -35.42
N ILE A 111 13.90 -17.17 -34.80
CA ILE A 111 12.68 -17.91 -35.24
C ILE A 111 11.50 -16.98 -35.06
N PRO A 112 10.91 -16.46 -36.16
CA PRO A 112 9.78 -15.54 -36.02
C PRO A 112 8.63 -16.25 -35.27
N ALA A 113 7.97 -15.57 -34.35
CA ALA A 113 6.73 -16.07 -33.69
C ALA A 113 5.68 -16.26 -34.79
N LYS A 114 4.75 -17.20 -34.64
CA LYS A 114 3.85 -17.61 -35.75
C LYS A 114 2.79 -16.53 -36.02
N GLN A 115 2.70 -15.52 -35.16
CA GLN A 115 1.80 -14.34 -35.34
C GLN A 115 2.34 -13.23 -34.44
N MET A 122 3.57 -6.46 -25.45
CA MET A 122 4.85 -7.16 -25.83
C MET A 122 4.53 -8.58 -26.29
N GLY A 123 5.47 -9.21 -27.00
CA GLY A 123 5.26 -10.57 -27.54
C GLY A 123 6.47 -11.46 -27.35
N GLN A 124 6.34 -12.71 -27.79
CA GLN A 124 7.38 -13.74 -27.82
C GLN A 124 8.55 -13.21 -28.65
N PRO A 125 9.80 -13.28 -28.12
CA PRO A 125 10.95 -12.75 -28.83
C PRO A 125 11.27 -13.62 -30.05
N TRP A 126 11.58 -12.97 -31.18
CA TRP A 126 12.04 -13.63 -32.43
C TRP A 126 13.50 -14.04 -32.30
N CYS A 127 14.27 -13.25 -31.54
CA CYS A 127 15.70 -13.50 -31.25
C CYS A 127 15.84 -13.96 -29.79
N PHE A 128 16.32 -15.18 -29.54
CA PHE A 128 16.33 -15.78 -28.19
C PHE A 128 17.57 -16.61 -27.97
N PHE A 129 17.90 -16.82 -26.68
CA PHE A 129 19.11 -17.55 -26.26
C PHE A 129 18.95 -19.04 -26.49
N PRO A 130 19.93 -19.70 -27.16
CA PRO A 130 20.01 -21.14 -27.12
C PRO A 130 20.41 -21.54 -25.71
N PRO A 131 20.18 -22.80 -25.32
CA PRO A 131 20.65 -23.32 -24.03
C PRO A 131 22.17 -23.13 -23.85
N SER A 132 22.91 -23.02 -24.96
CA SER A 132 24.40 -22.94 -24.96
C SER A 132 24.87 -21.47 -24.91
N TYR A 133 23.95 -20.49 -24.84
CA TYR A 133 24.37 -19.06 -24.82
C TYR A 133 25.28 -18.89 -23.60
N PRO A 134 26.44 -18.23 -23.77
CA PRO A 134 27.39 -18.10 -22.67
C PRO A 134 26.80 -17.35 -21.47
N SER A 135 26.96 -17.93 -20.28
CA SER A 135 26.53 -17.34 -18.99
C SER A 135 27.76 -17.20 -18.13
N TYR A 136 27.60 -17.29 -16.82
CA TYR A 136 28.70 -17.40 -15.83
C TYR A 136 28.84 -18.87 -15.47
N LYS A 137 30.06 -19.25 -15.11
CA LYS A 137 30.39 -20.58 -14.53
C LYS A 137 30.59 -20.40 -13.03
N LEU A 138 30.04 -21.30 -12.23
CA LEU A 138 30.29 -21.35 -10.77
C LEU A 138 31.67 -21.97 -10.51
N GLU A 139 32.47 -21.35 -9.64
CA GLU A 139 33.80 -21.91 -9.26
C GLU A 139 34.03 -21.70 -7.78
N ASN A 140 34.71 -22.66 -7.13
CA ASN A 140 35.19 -22.52 -5.75
C ASN A 140 33.99 -22.29 -4.83
N LEU A 141 32.89 -22.99 -5.04
CA LEU A 141 31.81 -23.00 -4.05
C LEU A 141 32.37 -23.46 -2.72
N SER A 142 32.04 -22.73 -1.67
CA SER A 142 32.53 -23.08 -0.31
CA SER A 142 32.56 -22.98 -0.31
C SER A 142 31.44 -22.81 0.71
N SER A 143 31.50 -23.56 1.82
CA SER A 143 30.52 -23.49 2.91
C SER A 143 31.08 -22.65 4.05
N SER A 144 30.27 -21.68 4.52
CA SER A 144 30.48 -20.85 5.73
C SER A 144 29.40 -21.21 6.76
N GLU A 145 29.49 -20.74 8.01
CA GLU A 145 28.44 -20.98 9.04
C GLU A 145 27.08 -20.43 8.56
N MET A 146 27.05 -19.24 7.93
CA MET A 146 25.80 -18.60 7.43
C MET A 146 25.28 -19.30 6.15
N GLY A 147 26.17 -19.83 5.32
CA GLY A 147 25.73 -20.51 4.09
C GLY A 147 26.87 -20.77 3.12
N TYR A 148 26.88 -20.06 1.98
CA TYR A 148 27.78 -20.40 0.86
C TYR A 148 28.39 -19.16 0.24
N THR A 149 29.58 -19.33 -0.32
CA THR A 149 30.23 -18.30 -1.16
CA THR A 149 30.23 -18.29 -1.15
C THR A 149 30.82 -18.98 -2.39
N ALA A 150 30.86 -18.26 -3.50
CA ALA A 150 31.47 -18.78 -4.74
C ALA A 150 31.95 -17.62 -5.60
N THR A 151 32.76 -17.95 -6.59
CA THR A 151 33.14 -17.03 -7.69
C THR A 151 32.30 -17.41 -8.90
N LEU A 152 31.80 -16.41 -9.60
CA LEU A 152 31.12 -16.60 -10.90
C LEU A 152 32.01 -15.97 -11.96
N THR A 153 32.24 -16.69 -13.05
CA THR A 153 33.16 -16.22 -14.11
C THR A 153 32.48 -16.27 -15.46
N ARG A 154 32.44 -15.14 -16.15
CA ARG A 154 31.98 -15.07 -17.55
C ARG A 154 33.23 -15.05 -18.44
N THR A 155 33.26 -15.88 -19.47
CA THR A 155 34.39 -16.03 -20.42
CA THR A 155 34.43 -15.96 -20.38
C THR A 155 34.11 -15.28 -21.72
N THR A 156 32.86 -15.33 -22.19
CA THR A 156 32.47 -14.68 -23.47
C THR A 156 31.67 -13.43 -23.16
N PRO A 157 32.08 -12.24 -23.64
CA PRO A 157 31.31 -11.02 -23.37
C PRO A 157 29.88 -11.12 -23.92
N THR A 158 28.97 -10.37 -23.31
CA THR A 158 27.61 -10.17 -23.86
C THR A 158 27.65 -9.03 -24.88
N PHE A 159 26.49 -8.61 -25.38
CA PHE A 159 26.35 -7.51 -26.37
C PHE A 159 26.19 -6.18 -25.63
N PHE A 160 26.20 -6.17 -24.30
CA PHE A 160 26.21 -4.93 -23.49
C PHE A 160 27.66 -4.55 -23.23
N PRO A 161 27.96 -3.24 -23.06
CA PRO A 161 29.27 -2.79 -22.65
C PRO A 161 29.55 -3.05 -21.17
N LYS A 162 30.82 -3.17 -20.80
CA LYS A 162 31.29 -3.22 -19.39
C LYS A 162 30.68 -4.41 -18.64
N ASP A 163 30.66 -5.59 -19.25
CA ASP A 163 30.44 -6.86 -18.50
C ASP A 163 31.38 -6.86 -17.31
N ILE A 164 30.90 -7.35 -16.17
CA ILE A 164 31.77 -7.60 -14.99
C ILE A 164 32.07 -9.10 -14.96
N LEU A 165 33.27 -9.48 -15.41
CA LEU A 165 33.53 -10.88 -15.85
C LEU A 165 33.66 -11.77 -14.62
N THR A 166 34.09 -11.21 -13.48
CA THR A 166 34.26 -11.95 -12.22
C THR A 166 33.34 -11.35 -11.15
N LEU A 167 32.47 -12.20 -10.62
CA LEU A 167 31.49 -11.84 -9.58
C LEU A 167 31.73 -12.71 -8.35
N ARG A 168 31.16 -12.28 -7.23
CA ARG A 168 31.14 -13.05 -5.98
C ARG A 168 29.67 -13.31 -5.63
N LEU A 169 29.39 -14.57 -5.34
CA LEU A 169 28.07 -15.06 -4.86
C LEU A 169 28.15 -15.26 -3.35
N ASP A 170 27.19 -14.71 -2.62
CA ASP A 170 27.07 -14.99 -1.16
C ASP A 170 25.62 -15.44 -0.90
N VAL A 171 25.47 -16.60 -0.25
CA VAL A 171 24.16 -17.23 0.07
C VAL A 171 24.08 -17.34 1.58
N MET A 172 23.06 -16.70 2.15
CA MET A 172 22.86 -16.61 3.61
CA MET A 172 22.85 -16.59 3.61
C MET A 172 21.50 -17.24 3.97
N MET A 173 21.55 -18.32 4.73
CA MET A 173 20.37 -19.07 5.23
C MET A 173 19.93 -18.41 6.53
N GLU A 174 19.22 -17.30 6.40
CA GLU A 174 19.08 -16.30 7.50
C GLU A 174 18.08 -16.79 8.55
N THR A 175 16.94 -17.32 8.13
CA THR A 175 15.92 -17.90 9.05
C THR A 175 15.36 -19.17 8.40
N GLU A 176 14.49 -19.89 9.10
CA GLU A 176 13.86 -21.09 8.49
C GLU A 176 12.98 -20.64 7.31
N ASN A 177 12.53 -19.37 7.28
CA ASN A 177 11.60 -18.88 6.24
C ASN A 177 12.28 -17.97 5.22
N ARG A 178 13.48 -17.47 5.52
CA ARG A 178 14.12 -16.43 4.69
C ARG A 178 15.49 -16.88 4.21
N LEU A 179 15.62 -16.98 2.88
CA LEU A 179 16.88 -17.20 2.16
C LEU A 179 17.29 -15.88 1.52
N HIS A 180 18.58 -15.56 1.57
CA HIS A 180 19.13 -14.27 1.09
C HIS A 180 20.38 -14.60 0.29
N PHE A 181 20.47 -14.16 -0.95
CA PHE A 181 21.74 -14.26 -1.70
C PHE A 181 22.03 -12.94 -2.39
N THR A 182 23.33 -12.66 -2.55
CA THR A 182 23.80 -11.47 -3.29
C THR A 182 24.81 -11.89 -4.35
N ILE A 183 24.80 -11.16 -5.45
CA ILE A 183 25.83 -11.23 -6.53
C ILE A 183 26.43 -9.84 -6.68
N LYS A 184 27.72 -9.72 -6.42
CA LYS A 184 28.47 -8.45 -6.34
C LYS A 184 29.74 -8.54 -7.19
N ASP A 185 30.31 -7.37 -7.42
CA ASP A 185 31.66 -7.20 -8.03
C ASP A 185 32.65 -7.21 -6.86
N PRO A 186 33.45 -8.27 -6.69
CA PRO A 186 34.38 -8.32 -5.55
C PRO A 186 35.51 -7.29 -5.65
N ALA A 187 35.74 -6.70 -6.83
CA ALA A 187 36.84 -5.71 -7.07
C ALA A 187 36.35 -4.28 -6.87
N ASN A 188 35.04 -4.03 -6.73
CA ASN A 188 34.52 -2.63 -6.70
C ASN A 188 33.25 -2.60 -5.88
N ARG A 189 33.17 -1.67 -4.94
CA ARG A 189 31.91 -1.37 -4.22
C ARG A 189 30.95 -0.81 -5.28
N ARG A 190 29.75 -1.38 -5.38
CA ARG A 190 28.73 -0.89 -6.33
C ARG A 190 27.61 -0.27 -5.49
N TYR A 191 26.79 0.55 -6.10
CA TYR A 191 25.65 1.15 -5.40
C TYR A 191 24.79 0.04 -4.80
N GLU A 192 24.39 0.25 -3.54
CA GLU A 192 23.46 -0.61 -2.80
C GLU A 192 22.41 0.26 -2.11
N VAL A 193 21.18 -0.22 -2.12
CA VAL A 193 20.05 0.49 -1.45
C VAL A 193 20.34 0.55 0.04
N PRO A 194 20.24 1.74 0.67
CA PRO A 194 20.32 1.83 2.12
C PRO A 194 19.06 1.19 2.75
N LEU A 195 19.26 0.17 3.60
CA LEU A 195 18.21 -0.60 4.32
C LEU A 195 18.78 -1.12 5.65
N GLU A 196 18.03 -0.93 6.74
CA GLU A 196 18.35 -1.41 8.11
C GLU A 196 18.07 -2.92 8.15
N THR A 197 18.98 -3.72 8.71
CA THR A 197 18.84 -5.19 8.79
C THR A 197 18.08 -5.56 10.08
N ALA A 204 10.14 -30.46 12.90
CA ALA A 204 11.59 -30.75 12.75
C ALA A 204 12.34 -29.44 12.49
N PRO A 205 13.52 -29.24 13.11
CA PRO A 205 14.30 -28.01 12.92
C PRO A 205 15.07 -28.04 11.58
N SER A 206 14.59 -27.32 10.59
CA SER A 206 15.20 -27.27 9.24
C SER A 206 14.53 -26.12 8.51
N PRO A 207 15.23 -25.46 7.59
CA PRO A 207 14.58 -24.41 6.81
C PRO A 207 13.44 -24.97 5.96
N LEU A 208 12.52 -24.12 5.53
CA LEU A 208 11.42 -24.51 4.62
C LEU A 208 11.98 -24.70 3.20
N TYR A 209 13.19 -24.19 2.93
CA TYR A 209 13.80 -24.20 1.58
C TYR A 209 14.98 -25.17 1.58
N SER A 210 15.34 -25.66 0.40
CA SER A 210 16.70 -26.20 0.13
C SER A 210 17.26 -25.43 -1.04
N VAL A 211 18.58 -25.33 -1.12
CA VAL A 211 19.23 -24.59 -2.23
C VAL A 211 20.26 -25.51 -2.88
N GLU A 212 20.31 -25.48 -4.20
CA GLU A 212 21.35 -26.18 -5.01
C GLU A 212 21.82 -25.21 -6.07
N PHE A 213 22.90 -25.55 -6.76
CA PHE A 213 23.50 -24.66 -7.78
C PHE A 213 23.78 -25.47 -9.04
N SER A 214 23.46 -24.88 -10.17
CA SER A 214 23.96 -25.31 -11.48
C SER A 214 25.35 -24.68 -11.65
N GLU A 215 26.33 -25.46 -12.10
CA GLU A 215 27.74 -25.05 -12.29
C GLU A 215 27.86 -24.23 -13.60
N GLU A 216 27.34 -24.75 -14.70
CA GLU A 216 27.56 -24.14 -16.04
C GLU A 216 26.45 -24.61 -16.97
N PRO A 217 25.50 -23.73 -17.37
CA PRO A 217 25.45 -22.34 -16.91
C PRO A 217 25.05 -22.19 -15.44
N PHE A 218 25.54 -21.15 -14.78
CA PHE A 218 25.27 -20.89 -13.35
C PHE A 218 23.77 -20.66 -13.12
N GLY A 219 23.27 -21.24 -12.04
CA GLY A 219 21.93 -20.93 -11.56
C GLY A 219 21.75 -21.29 -10.11
N VAL A 220 20.87 -20.57 -9.45
CA VAL A 220 20.43 -20.87 -8.06
C VAL A 220 19.09 -21.58 -8.16
N ILE A 221 18.97 -22.74 -7.53
CA ILE A 221 17.71 -23.53 -7.54
C ILE A 221 17.24 -23.63 -6.09
N VAL A 222 16.03 -23.11 -5.83
CA VAL A 222 15.41 -23.11 -4.48
C VAL A 222 14.15 -23.99 -4.55
N HIS A 223 14.14 -25.08 -3.79
CA HIS A 223 13.00 -26.00 -3.62
C HIS A 223 12.28 -25.65 -2.33
N ARG A 224 10.97 -25.86 -2.31
CA ARG A 224 10.19 -26.02 -1.05
C ARG A 224 10.49 -27.43 -0.51
N GLN A 225 11.08 -27.54 0.67
CA GLN A 225 11.47 -28.87 1.25
C GLN A 225 10.23 -29.78 1.37
N LEU A 226 9.10 -29.24 1.79
CA LEU A 226 7.93 -30.08 2.20
C LEU A 226 7.43 -30.90 1.00
N ASP A 227 7.31 -30.32 -0.20
CA ASP A 227 6.69 -31.01 -1.38
C ASP A 227 7.65 -31.05 -2.59
N GLY A 228 8.89 -30.61 -2.46
CA GLY A 228 9.85 -30.58 -3.58
C GLY A 228 9.49 -29.64 -4.73
N ARG A 229 8.59 -28.68 -4.54
CA ARG A 229 8.23 -27.79 -5.68
C ARG A 229 9.42 -26.86 -5.94
N VAL A 230 9.75 -26.65 -7.21
CA VAL A 230 10.83 -25.71 -7.63
C VAL A 230 10.23 -24.31 -7.58
N LEU A 231 10.79 -23.45 -6.74
CA LEU A 231 10.27 -22.08 -6.55
C LEU A 231 11.10 -21.09 -7.37
N LEU A 232 12.43 -21.13 -7.17
CA LEU A 232 13.40 -20.35 -7.97
C LEU A 232 14.26 -21.32 -8.79
N ASN A 233 14.55 -20.95 -10.03
CA ASN A 233 15.54 -21.66 -10.85
C ASN A 233 16.15 -20.68 -11.84
N THR A 234 17.32 -20.11 -11.53
CA THR A 234 17.88 -19.01 -12.33
C THR A 234 18.70 -19.59 -13.48
N THR A 235 18.76 -20.93 -13.58
CA THR A 235 19.44 -21.63 -14.69
C THR A 235 18.68 -21.40 -16.01
N VAL A 236 17.41 -20.99 -15.96
CA VAL A 236 16.50 -20.95 -17.14
C VAL A 236 17.01 -19.97 -18.20
N ALA A 237 17.88 -19.02 -17.83
CA ALA A 237 18.39 -18.02 -18.78
C ALA A 237 19.77 -17.57 -18.33
N PRO A 238 20.57 -16.96 -19.22
CA PRO A 238 21.91 -16.50 -18.85
C PRO A 238 21.82 -15.44 -17.76
N LEU A 239 22.85 -15.40 -16.91
CA LEU A 239 23.05 -14.26 -16.00
C LEU A 239 23.78 -13.16 -16.75
N PHE A 240 23.20 -11.97 -16.83
CA PHE A 240 23.89 -10.76 -17.33
C PHE A 240 24.27 -9.89 -16.14
N PHE A 241 25.52 -9.43 -16.11
CA PHE A 241 25.96 -8.53 -15.02
C PHE A 241 26.99 -7.58 -15.61
N ALA A 242 26.49 -6.47 -16.18
CA ALA A 242 27.30 -5.39 -16.76
C ALA A 242 27.06 -4.16 -15.92
N ASP A 243 27.91 -3.15 -16.07
CA ASP A 243 27.86 -1.97 -15.18
C ASP A 243 26.45 -1.33 -15.18
N GLN A 244 25.77 -1.26 -16.33
CA GLN A 244 24.41 -0.67 -16.40
C GLN A 244 23.36 -1.67 -16.91
N PHE A 245 23.56 -2.97 -16.71
CA PHE A 245 22.56 -3.98 -17.12
C PHE A 245 22.75 -5.26 -16.30
N LEU A 246 21.78 -5.55 -15.43
CA LEU A 246 21.74 -6.82 -14.66
C LEU A 246 20.51 -7.56 -15.13
N GLN A 247 20.63 -8.85 -15.43
CA GLN A 247 19.45 -9.65 -15.76
C GLN A 247 19.59 -11.01 -15.06
N LEU A 248 18.56 -11.32 -14.28
CA LEU A 248 18.43 -12.61 -13.57
C LEU A 248 17.04 -13.11 -13.89
N SER A 249 16.92 -14.35 -14.34
CA SER A 249 15.60 -14.95 -14.65
C SER A 249 15.28 -16.07 -13.67
N THR A 250 14.03 -16.50 -13.64
CA THR A 250 13.64 -17.73 -12.94
C THR A 250 12.38 -18.28 -13.60
N SER A 251 12.18 -19.57 -13.44
CA SER A 251 10.85 -20.18 -13.62
C SER A 251 9.95 -19.64 -12.50
N LEU A 252 8.65 -19.61 -12.75
CA LEU A 252 7.61 -19.33 -11.73
C LEU A 252 6.84 -20.62 -11.49
N PRO A 253 6.30 -20.83 -10.27
CA PRO A 253 5.68 -22.12 -9.90
C PRO A 253 4.28 -22.25 -10.53
N SER A 254 3.72 -21.14 -11.00
CA SER A 254 2.31 -21.07 -11.51
C SER A 254 2.15 -19.81 -12.35
N GLN A 255 0.97 -19.64 -12.92
CA GLN A 255 0.59 -18.46 -13.72
C GLN A 255 0.10 -17.34 -12.80
N TYR A 256 0.17 -17.55 -11.48
CA TYR A 256 -0.43 -16.62 -10.48
C TYR A 256 0.69 -15.92 -9.73
N ILE A 257 0.80 -14.62 -10.01
CA ILE A 257 1.87 -13.74 -9.45
C ILE A 257 1.28 -12.35 -9.19
N THR A 258 1.59 -11.78 -8.03
CA THR A 258 1.10 -10.43 -7.68
C THR A 258 2.29 -9.61 -7.16
N GLY A 259 2.21 -8.28 -7.28
CA GLY A 259 3.21 -7.34 -6.77
C GLY A 259 3.67 -6.36 -7.83
N LEU A 260 4.94 -5.95 -7.73
CA LEU A 260 5.64 -5.13 -8.74
C LEU A 260 4.85 -3.85 -8.99
N ALA A 261 4.43 -3.16 -7.93
CA ALA A 261 3.82 -1.82 -8.02
C ALA A 261 4.84 -0.81 -8.56
N GLU A 262 4.37 0.36 -9.01
CA GLU A 262 2.97 0.75 -9.05
C GLU A 262 2.49 0.79 -10.51
N HIS A 263 1.42 0.07 -10.81
CA HIS A 263 0.85 -0.03 -12.18
C HIS A 263 -0.67 -0.22 -12.05
N LEU A 264 -1.41 0.21 -13.07
CA LEU A 264 -2.88 0.01 -13.15
C LEU A 264 -3.08 -1.36 -13.80
N SER A 265 -3.41 -2.36 -12.99
CA SER A 265 -3.37 -3.79 -13.35
C SER A 265 -4.36 -4.54 -12.46
N PRO A 266 -4.91 -5.68 -12.92
CA PRO A 266 -5.52 -6.65 -12.00
C PRO A 266 -4.51 -7.01 -10.91
N LEU A 267 -4.99 -7.53 -9.80
CA LEU A 267 -4.11 -7.92 -8.66
C LEU A 267 -3.17 -9.03 -9.14
N MET A 268 -3.70 -9.97 -9.92
CA MET A 268 -2.87 -11.05 -10.51
C MET A 268 -2.33 -10.54 -11.85
N LEU A 269 -1.01 -10.53 -12.01
CA LEU A 269 -0.34 -9.92 -13.18
C LEU A 269 -0.45 -10.89 -14.37
N SER A 270 -0.60 -10.36 -15.58
CA SER A 270 -0.59 -11.19 -16.82
C SER A 270 0.81 -11.74 -17.09
N THR A 271 0.95 -13.04 -17.31
CA THR A 271 2.23 -13.67 -17.70
C THR A 271 2.38 -13.73 -19.23
N SER A 272 1.49 -13.08 -19.99
CA SER A 272 1.46 -13.09 -21.49
C SER A 272 2.43 -12.07 -22.05
N TRP A 273 3.75 -12.23 -21.82
CA TRP A 273 4.80 -11.35 -22.39
C TRP A 273 4.58 -9.92 -21.93
N THR A 274 4.52 -9.74 -20.62
CA THR A 274 4.20 -8.44 -19.97
C THR A 274 5.51 -7.80 -19.54
N ARG A 275 5.70 -6.54 -19.88
CA ARG A 275 6.87 -5.74 -19.46
C ARG A 275 6.41 -4.74 -18.39
N ILE A 276 6.88 -4.91 -17.16
CA ILE A 276 6.49 -4.05 -16.01
C ILE A 276 7.69 -3.16 -15.69
N THR A 277 7.51 -1.85 -15.78
CA THR A 277 8.59 -0.86 -15.63
C THR A 277 8.47 -0.19 -14.27
N LEU A 278 9.57 -0.23 -13.50
CA LEU A 278 9.74 0.44 -12.19
C LEU A 278 10.64 1.66 -12.39
N TRP A 279 10.01 2.83 -12.51
CA TRP A 279 10.68 4.15 -12.63
C TRP A 279 9.68 5.23 -12.25
N ASN A 280 9.83 5.71 -11.03
CA ASN A 280 8.84 6.59 -10.39
C ASN A 280 8.55 7.76 -11.34
N ARG A 281 7.27 7.94 -11.65
CA ARG A 281 6.85 8.86 -12.72
C ARG A 281 5.52 9.50 -12.35
N ASP A 282 5.47 10.82 -12.53
CA ASP A 282 4.22 11.59 -12.43
C ASP A 282 3.44 11.34 -13.74
N LEU A 283 2.42 10.51 -13.66
CA LEU A 283 1.47 10.27 -14.76
C LEU A 283 0.14 9.80 -14.17
N ALA A 284 -0.96 10.34 -14.66
CA ALA A 284 -2.31 9.89 -14.25
C ALA A 284 -2.41 8.39 -14.53
N PRO A 285 -2.85 7.58 -13.55
CA PRO A 285 -2.90 6.13 -13.75
C PRO A 285 -3.56 5.72 -15.07
N THR A 286 -2.86 4.88 -15.82
CA THR A 286 -3.21 4.40 -17.19
C THR A 286 -2.44 3.11 -17.41
N PRO A 287 -3.00 2.13 -18.17
CA PRO A 287 -2.35 0.82 -18.31
C PRO A 287 -1.03 0.83 -19.07
N GLY A 288 -0.16 -0.12 -18.72
CA GLY A 288 1.15 -0.30 -19.38
C GLY A 288 2.17 0.75 -18.97
N ALA A 289 1.87 1.65 -18.01
CA ALA A 289 2.75 2.77 -17.66
C ALA A 289 3.44 2.56 -16.30
N ASN A 290 4.67 3.04 -16.19
CA ASN A 290 5.37 3.23 -14.89
C ASN A 290 4.67 4.37 -14.16
N LEU A 291 4.12 4.12 -12.97
CA LEU A 291 3.46 5.21 -12.19
C LEU A 291 4.36 5.66 -11.04
N TYR A 292 3.76 6.20 -9.98
CA TYR A 292 4.44 7.07 -9.01
C TYR A 292 5.47 6.32 -8.15
N GLY A 293 5.31 5.00 -8.02
CA GLY A 293 6.07 4.18 -7.06
C GLY A 293 6.66 2.94 -7.70
N SER A 294 7.56 2.29 -6.96
CA SER A 294 8.32 1.13 -7.44
C SER A 294 8.52 0.16 -6.27
N HIS A 295 7.99 -1.05 -6.39
CA HIS A 295 8.12 -2.10 -5.34
C HIS A 295 8.57 -3.39 -6.01
N PRO A 296 9.89 -3.65 -6.03
CA PRO A 296 10.41 -4.84 -6.71
C PRO A 296 10.24 -6.09 -5.83
N PHE A 297 8.98 -6.45 -5.58
CA PHE A 297 8.59 -7.61 -4.77
C PHE A 297 7.45 -8.32 -5.51
N TYR A 298 7.51 -9.64 -5.57
CA TYR A 298 6.36 -10.44 -6.01
C TYR A 298 6.08 -11.56 -5.02
N LEU A 299 4.80 -11.96 -5.01
CA LEU A 299 4.27 -13.12 -4.29
C LEU A 299 3.69 -14.06 -5.36
N ALA A 300 4.19 -15.29 -5.37
CA ALA A 300 3.83 -16.30 -6.37
C ALA A 300 3.06 -17.41 -5.68
N LEU A 301 1.88 -17.73 -6.20
CA LEU A 301 1.04 -18.81 -5.64
C LEU A 301 1.48 -20.16 -6.24
N GLU A 302 1.33 -21.22 -5.45
CA GLU A 302 1.67 -22.61 -5.82
C GLU A 302 0.39 -23.43 -5.76
N ASP A 303 0.23 -24.38 -6.68
CA ASP A 303 -0.92 -25.31 -6.70
C ASP A 303 -1.12 -25.86 -5.29
N GLY A 304 -2.34 -25.80 -4.74
CA GLY A 304 -2.57 -26.29 -3.37
C GLY A 304 -2.70 -25.17 -2.35
N GLY A 305 -2.22 -23.96 -2.67
CA GLY A 305 -2.44 -22.77 -1.84
C GLY A 305 -1.24 -22.30 -1.02
N SER A 306 -0.08 -22.92 -1.18
CA SER A 306 1.17 -22.38 -0.60
C SER A 306 1.66 -21.25 -1.52
N ALA A 307 2.60 -20.46 -1.03
CA ALA A 307 3.13 -19.31 -1.78
C ALA A 307 4.52 -19.00 -1.27
N HIS A 308 5.27 -18.27 -2.08
CA HIS A 308 6.56 -17.71 -1.67
C HIS A 308 6.62 -16.29 -2.20
N GLY A 309 7.57 -15.51 -1.70
CA GLY A 309 7.81 -14.15 -2.14
C GLY A 309 9.28 -13.97 -2.50
N VAL A 310 9.51 -13.07 -3.43
CA VAL A 310 10.87 -12.66 -3.88
C VAL A 310 10.93 -11.14 -3.83
N PHE A 311 11.97 -10.64 -3.16
CA PHE A 311 12.31 -9.21 -3.11
C PHE A 311 13.68 -9.03 -3.76
N LEU A 312 13.74 -8.21 -4.79
CA LEU A 312 15.04 -7.74 -5.36
C LEU A 312 15.33 -6.37 -4.75
N LEU A 313 16.30 -6.29 -3.83
CA LEU A 313 16.62 -5.01 -3.16
C LEU A 313 17.50 -4.18 -4.12
N ASN A 314 16.85 -3.49 -5.07
CA ASN A 314 17.52 -2.76 -6.17
C ASN A 314 16.60 -1.59 -6.52
N SER A 315 17.12 -0.37 -6.45
CA SER A 315 16.33 0.86 -6.64
C SER A 315 16.60 1.48 -8.02
N ASN A 316 17.29 0.78 -8.92
CA ASN A 316 17.55 1.32 -10.28
C ASN A 316 16.29 1.20 -11.14
N ALA A 317 16.18 2.03 -12.18
CA ALA A 317 15.18 1.82 -13.25
C ALA A 317 15.29 0.36 -13.65
N MET A 318 14.16 -0.31 -13.77
CA MET A 318 14.16 -1.74 -14.15
C MET A 318 12.89 -2.09 -14.91
N ASP A 319 13.02 -3.09 -15.75
CA ASP A 319 11.89 -3.81 -16.37
C ASP A 319 11.83 -5.17 -15.69
N VAL A 320 10.62 -5.63 -15.43
CA VAL A 320 10.38 -7.04 -15.04
C VAL A 320 9.49 -7.65 -16.12
N VAL A 321 10.01 -8.69 -16.77
CA VAL A 321 9.34 -9.32 -17.93
C VAL A 321 8.75 -10.66 -17.51
N LEU A 322 7.43 -10.80 -17.65
CA LEU A 322 6.71 -12.05 -17.32
C LEU A 322 6.40 -12.78 -18.64
N GLN A 323 6.68 -14.08 -18.71
CA GLN A 323 6.34 -14.88 -19.91
C GLN A 323 5.58 -16.14 -19.52
N PRO A 324 4.84 -16.75 -20.46
CA PRO A 324 3.83 -17.74 -20.11
C PRO A 324 4.32 -19.17 -19.87
N SER A 325 5.63 -19.40 -19.85
CA SER A 325 6.23 -20.74 -19.59
C SER A 325 5.77 -21.41 -18.29
N PRO A 326 5.60 -20.79 -17.09
CA PRO A 326 5.79 -19.36 -16.83
C PRO A 326 7.16 -19.03 -16.24
N ALA A 327 7.62 -17.80 -16.44
CA ALA A 327 8.96 -17.34 -16.02
C ALA A 327 8.96 -15.83 -15.86
N LEU A 328 9.97 -15.33 -15.15
CA LEU A 328 10.15 -13.89 -14.88
C LEU A 328 11.64 -13.56 -15.11
N SER A 329 11.90 -12.35 -15.60
CA SER A 329 13.28 -11.80 -15.74
C SER A 329 13.31 -10.45 -15.03
N TRP A 330 14.25 -10.27 -14.12
CA TRP A 330 14.57 -8.95 -13.56
C TRP A 330 15.60 -8.32 -14.50
N ARG A 331 15.37 -7.12 -15.01
CA ARG A 331 16.35 -6.39 -15.84
C ARG A 331 16.57 -5.00 -15.25
N SER A 332 17.66 -4.82 -14.51
CA SER A 332 17.97 -3.56 -13.81
C SER A 332 19.10 -2.82 -14.54
N THR A 333 19.11 -1.50 -14.41
CA THR A 333 20.08 -0.62 -15.08
C THR A 333 21.25 -0.31 -14.14
N GLY A 334 21.34 -0.93 -12.98
CA GLY A 334 22.51 -0.72 -12.12
C GLY A 334 22.46 -1.51 -10.83
N GLY A 335 23.33 -1.12 -9.91
CA GLY A 335 23.42 -1.67 -8.56
C GLY A 335 23.90 -3.10 -8.58
N ILE A 336 23.37 -3.92 -7.67
CA ILE A 336 23.76 -5.35 -7.55
C ILE A 336 22.50 -6.22 -7.52
N LEU A 337 22.69 -7.53 -7.56
CA LEU A 337 21.58 -8.47 -7.33
C LEU A 337 21.59 -8.82 -5.86
N ASP A 338 20.56 -8.37 -5.16
CA ASP A 338 20.40 -8.61 -3.72
C ASP A 338 19.01 -9.20 -3.54
N VAL A 339 18.94 -10.51 -3.36
CA VAL A 339 17.67 -11.27 -3.56
C VAL A 339 17.28 -11.93 -2.25
N TYR A 340 16.03 -11.72 -1.85
CA TYR A 340 15.41 -12.38 -0.69
C TYR A 340 14.30 -13.29 -1.18
N ILE A 341 14.28 -14.53 -0.67
CA ILE A 341 13.17 -15.47 -0.94
C ILE A 341 12.49 -15.77 0.39
N PHE A 342 11.16 -15.66 0.43
CA PHE A 342 10.33 -15.80 1.66
C PHE A 342 9.43 -17.03 1.48
N LEU A 343 9.56 -18.01 2.36
CA LEU A 343 9.02 -19.35 2.06
C LEU A 343 7.56 -19.52 2.52
N GLY A 344 6.95 -18.54 3.20
CA GLY A 344 5.53 -18.71 3.59
C GLY A 344 5.39 -19.78 4.67
N PRO A 345 4.63 -20.89 4.48
CA PRO A 345 3.99 -21.22 3.20
C PRO A 345 2.68 -20.50 2.86
N GLU A 346 2.03 -19.91 3.87
CA GLU A 346 0.74 -19.20 3.69
C GLU A 346 1.01 -17.82 3.08
N PRO A 347 0.22 -17.37 2.09
CA PRO A 347 0.36 -16.01 1.58
C PRO A 347 0.51 -14.93 2.68
N LYS A 348 -0.26 -15.00 3.75
CA LYS A 348 -0.16 -13.96 4.82
C LYS A 348 1.20 -14.03 5.51
N SER A 349 1.79 -15.22 5.56
CA SER A 349 3.12 -15.45 6.16
C SER A 349 4.21 -14.92 5.22
N VAL A 350 4.03 -15.08 3.91
CA VAL A 350 4.97 -14.47 2.92
C VAL A 350 5.01 -12.95 3.14
N VAL A 351 3.84 -12.31 3.20
CA VAL A 351 3.77 -10.83 3.40
C VAL A 351 4.48 -10.46 4.70
N GLN A 352 4.14 -11.11 5.80
CA GLN A 352 4.79 -10.81 7.11
C GLN A 352 6.32 -10.98 6.98
N GLN A 353 6.79 -12.06 6.37
CA GLN A 353 8.24 -12.33 6.22
C GLN A 353 8.91 -11.22 5.40
N TYR A 354 8.28 -10.76 4.33
CA TYR A 354 8.79 -9.63 3.51
C TYR A 354 8.87 -8.37 4.38
N LEU A 355 7.85 -8.13 5.20
CA LEU A 355 7.80 -6.93 6.05
C LEU A 355 8.79 -7.04 7.22
N ASP A 356 9.21 -8.25 7.59
CA ASP A 356 10.32 -8.46 8.56
CA ASP A 356 10.31 -8.43 8.58
C ASP A 356 11.63 -7.88 7.99
N VAL A 357 11.75 -7.80 6.67
CA VAL A 357 12.96 -7.20 6.03
C VAL A 357 12.76 -5.68 5.83
N VAL A 358 11.66 -5.24 5.22
CA VAL A 358 11.51 -3.82 4.79
C VAL A 358 10.91 -2.97 5.89
N GLY A 359 10.26 -3.59 6.89
CA GLY A 359 9.68 -2.88 8.03
C GLY A 359 8.18 -3.09 8.14
N TYR A 360 7.69 -3.23 9.35
CA TYR A 360 6.24 -3.32 9.60
C TYR A 360 5.63 -1.94 9.42
N PRO A 361 4.38 -1.90 8.96
CA PRO A 361 3.67 -0.64 8.79
C PRO A 361 3.63 0.17 10.08
N PHE A 362 3.71 1.48 9.91
CA PHE A 362 3.64 2.45 11.03
C PHE A 362 2.22 2.43 11.58
N MET A 363 2.09 2.79 12.87
CA MET A 363 0.75 2.87 13.51
C MET A 363 0.25 4.28 13.30
N PRO A 364 -0.88 4.50 12.59
CA PRO A 364 -1.41 5.83 12.38
C PRO A 364 -2.06 6.30 13.66
N PRO A 365 -2.28 7.63 13.81
CA PRO A 365 -3.16 8.12 14.86
C PRO A 365 -4.58 7.65 14.54
N TYR A 366 -5.40 7.49 15.57
CA TYR A 366 -6.80 7.05 15.39
C TYR A 366 -7.54 8.01 14.47
N TRP A 367 -7.35 9.33 14.65
CA TRP A 367 -8.05 10.35 13.84
C TRP A 367 -7.74 10.17 12.33
N GLY A 368 -6.57 9.66 12.00
CA GLY A 368 -6.18 9.42 10.59
C GLY A 368 -7.11 8.42 9.91
N LEU A 369 -7.87 7.63 10.68
CA LEU A 369 -8.79 6.60 10.12
C LEU A 369 -10.18 7.22 9.89
N GLY A 370 -10.38 8.46 10.31
CA GLY A 370 -11.63 9.18 10.03
C GLY A 370 -11.73 9.62 8.60
N PHE A 371 -12.79 10.35 8.28
CA PHE A 371 -12.99 10.92 6.94
C PHE A 371 -12.13 12.17 6.76
N HIS A 372 -11.48 12.23 5.61
CA HIS A 372 -10.66 13.36 5.12
C HIS A 372 -11.36 14.01 3.91
N LEU A 373 -11.40 15.34 3.86
CA LEU A 373 -12.04 16.05 2.74
C LEU A 373 -11.11 17.16 2.22
N CYS A 374 -10.93 17.15 0.90
CA CYS A 374 -9.95 18.03 0.22
C CYS A 374 -10.47 18.41 -1.15
N ARG A 375 -10.04 19.55 -1.67
CA ARG A 375 -10.00 19.77 -3.12
C ARG A 375 -8.92 20.81 -3.42
N TRP A 376 -8.54 20.84 -4.68
CA TRP A 376 -7.84 21.97 -5.29
C TRP A 376 -8.92 22.98 -5.63
N GLY A 377 -8.90 24.15 -5.01
CA GLY A 377 -9.90 25.19 -5.27
C GLY A 377 -10.62 25.68 -4.02
N TYR A 378 -10.35 25.16 -2.81
CA TYR A 378 -10.80 25.83 -1.56
C TYR A 378 -9.89 27.04 -1.36
N SER A 379 -10.23 28.19 -1.97
CA SER A 379 -9.27 29.28 -2.27
C SER A 379 -9.25 30.35 -1.17
N SER A 380 -9.94 30.14 -0.06
CA SER A 380 -9.85 31.03 1.12
C SER A 380 -10.13 30.22 2.39
N THR A 381 -9.79 30.79 3.54
CA THR A 381 -10.23 30.26 4.85
C THR A 381 -11.76 30.29 4.91
N ALA A 382 -12.42 31.33 4.40
CA ALA A 382 -13.90 31.42 4.45
C ALA A 382 -14.53 30.21 3.74
N ILE A 383 -14.10 29.91 2.52
CA ILE A 383 -14.60 28.76 1.72
C ILE A 383 -14.29 27.46 2.47
N THR A 384 -13.06 27.33 2.99
CA THR A 384 -12.60 26.09 3.68
C THR A 384 -13.48 25.88 4.93
N ARG A 385 -13.75 26.94 5.69
CA ARG A 385 -14.62 26.84 6.89
C ARG A 385 -16.04 26.42 6.48
N GLN A 386 -16.54 26.90 5.34
CA GLN A 386 -17.90 26.54 4.86
C GLN A 386 -17.99 25.04 4.59
N VAL A 387 -16.88 24.43 4.17
CA VAL A 387 -16.87 22.96 3.93
C VAL A 387 -17.23 22.25 5.22
N VAL A 388 -16.53 22.56 6.31
CA VAL A 388 -16.76 21.91 7.63
C VAL A 388 -18.20 22.21 8.09
N GLU A 389 -18.64 23.46 7.97
CA GLU A 389 -20.01 23.87 8.36
C GLU A 389 -21.04 23.08 7.54
N ASN A 390 -20.82 22.96 6.23
CA ASN A 390 -21.77 22.27 5.32
C ASN A 390 -21.81 20.79 5.65
N MET A 391 -20.67 20.16 5.94
CA MET A 391 -20.62 18.74 6.35
C MET A 391 -21.40 18.58 7.67
N THR A 392 -21.13 19.44 8.65
CA THR A 392 -21.71 19.34 10.01
C THR A 392 -23.23 19.49 9.92
N ARG A 393 -23.72 20.52 9.24
CA ARG A 393 -25.17 20.83 9.06
C ARG A 393 -25.90 19.60 8.49
N ALA A 394 -25.25 18.82 7.61
CA ALA A 394 -25.88 17.68 6.90
C ALA A 394 -25.53 16.38 7.62
N HIS A 395 -24.98 16.46 8.84
CA HIS A 395 -24.69 15.29 9.72
C HIS A 395 -23.73 14.31 9.03
N PHE A 396 -22.68 14.82 8.38
CA PHE A 396 -21.62 13.99 7.78
C PHE A 396 -20.40 14.08 8.69
N PRO A 397 -19.90 12.94 9.18
CA PRO A 397 -18.63 12.90 9.90
C PRO A 397 -17.49 13.46 9.05
N LEU A 398 -16.59 14.19 9.70
CA LEU A 398 -15.37 14.74 9.06
C LEU A 398 -14.33 14.92 10.17
N ASP A 399 -13.25 14.15 10.13
CA ASP A 399 -12.17 14.30 11.12
C ASP A 399 -11.15 15.32 10.65
N VAL A 400 -10.87 15.41 9.36
CA VAL A 400 -9.67 16.15 8.88
C VAL A 400 -10.05 17.00 7.68
N GLN A 401 -9.87 18.31 7.82
CA GLN A 401 -10.02 19.25 6.69
C GLN A 401 -8.63 19.45 6.08
N TRP A 402 -8.57 19.46 4.76
CA TRP A 402 -7.32 19.60 3.98
C TRP A 402 -7.37 20.87 3.14
N ASN A 403 -6.19 21.38 2.79
CA ASN A 403 -6.01 22.28 1.62
C ASN A 403 -4.89 21.77 0.73
N ASP A 404 -5.12 22.01 -0.56
CA ASP A 404 -4.16 21.87 -1.67
C ASP A 404 -3.35 23.18 -1.75
N LEU A 405 -2.84 23.52 -2.93
CA LEU A 405 -1.91 24.64 -3.17
C LEU A 405 -2.53 25.98 -2.78
N ASP A 406 -3.85 26.08 -2.75
CA ASP A 406 -4.62 27.31 -2.43
C ASP A 406 -4.00 28.10 -1.27
N TYR A 407 -3.54 27.45 -0.19
CA TYR A 407 -3.14 28.16 1.05
C TYR A 407 -1.85 28.95 0.82
N MET A 408 -1.03 28.52 -0.12
CA MET A 408 0.36 29.02 -0.21
C MET A 408 0.42 30.46 -0.72
N ASP A 409 1.55 31.12 -0.43
CA ASP A 409 1.91 32.40 -1.12
C ASP A 409 2.62 32.07 -2.43
N SER A 410 1.98 32.31 -3.58
CA SER A 410 2.58 32.10 -4.93
C SER A 410 3.09 30.65 -5.03
N ARG A 411 2.31 29.70 -4.50
CA ARG A 411 2.52 28.25 -4.63
C ARG A 411 3.89 27.85 -4.06
N ARG A 412 4.29 28.49 -2.98
CA ARG A 412 5.55 28.16 -2.27
C ARG A 412 5.29 27.47 -0.94
N ASP A 413 6.05 26.40 -0.69
CA ASP A 413 6.05 25.69 0.62
C ASP A 413 6.33 26.68 1.76
N PHE A 414 5.76 26.41 2.93
CA PHE A 414 6.10 27.05 4.22
C PHE A 414 5.75 28.54 4.14
N THR A 415 4.71 28.86 3.38
CA THR A 415 4.11 30.21 3.32
C THR A 415 2.59 30.06 3.36
N PHE A 416 1.87 31.15 3.62
CA PHE A 416 0.43 31.23 3.35
C PHE A 416 0.13 32.64 2.85
N ASN A 417 -0.76 32.77 1.88
CA ASN A 417 -1.06 34.09 1.26
C ASN A 417 -1.87 34.91 2.27
N LYS A 418 -1.78 36.23 2.15
CA LYS A 418 -2.39 37.23 3.08
C LYS A 418 -3.64 37.83 2.44
N ASP A 419 -4.18 37.16 1.41
CA ASP A 419 -5.51 37.44 0.80
C ASP A 419 -6.54 36.47 1.42
N GLY A 420 -6.88 35.40 0.70
CA GLY A 420 -7.82 34.37 1.17
C GLY A 420 -7.36 33.67 2.42
N PHE A 421 -6.04 33.60 2.71
CA PHE A 421 -5.49 32.80 3.83
C PHE A 421 -4.81 33.68 4.88
N ARG A 422 -5.23 34.94 5.00
CA ARG A 422 -4.62 35.88 5.99
C ARG A 422 -4.80 35.31 7.41
N ASP A 423 -5.96 34.72 7.70
CA ASP A 423 -6.28 34.21 9.05
C ASP A 423 -6.10 32.67 9.12
N PHE A 424 -5.16 32.12 8.35
CA PHE A 424 -4.89 30.66 8.30
C PHE A 424 -4.66 30.11 9.70
N PRO A 425 -3.79 30.71 10.55
CA PRO A 425 -3.55 30.18 11.90
C PRO A 425 -4.85 30.03 12.71
N ALA A 426 -5.73 31.03 12.66
CA ALA A 426 -7.02 31.03 13.39
C ALA A 426 -7.92 29.90 12.86
N MET A 427 -7.98 29.68 11.55
CA MET A 427 -8.80 28.59 10.96
C MET A 427 -8.37 27.25 11.56
N VAL A 428 -7.07 26.97 11.61
CA VAL A 428 -6.55 25.66 12.09
C VAL A 428 -6.79 25.53 13.59
N GLN A 429 -6.63 26.63 14.35
CA GLN A 429 -6.93 26.63 15.80
C GLN A 429 -8.42 26.30 16.01
N GLU A 430 -9.31 26.86 15.17
CA GLU A 430 -10.77 26.62 15.30
C GLU A 430 -11.04 25.13 15.01
N LEU A 431 -10.43 24.58 13.97
CA LEU A 431 -10.63 23.14 13.66
C LEU A 431 -10.32 22.31 14.91
N HIS A 432 -9.16 22.54 15.54
CA HIS A 432 -8.72 21.83 16.76
C HIS A 432 -9.74 22.00 17.89
N GLN A 433 -10.23 23.23 18.07
CA GLN A 433 -11.22 23.53 19.16
C GLN A 433 -12.50 22.72 18.95
N GLY A 434 -12.87 22.41 17.70
CA GLY A 434 -14.05 21.59 17.38
C GLY A 434 -13.75 20.09 17.35
N GLY A 435 -12.52 19.69 17.66
CA GLY A 435 -12.14 18.26 17.77
C GLY A 435 -11.77 17.66 16.41
N ARG A 436 -11.33 18.50 15.47
CA ARG A 436 -10.88 18.07 14.11
C ARG A 436 -9.39 18.33 13.95
N ARG A 437 -8.82 17.74 12.90
CA ARG A 437 -7.39 17.94 12.55
CA ARG A 437 -7.40 17.92 12.56
C ARG A 437 -7.31 18.60 11.19
N TYR A 438 -6.09 18.96 10.80
CA TYR A 438 -5.83 19.72 9.58
C TYR A 438 -4.58 19.16 8.90
N MET A 439 -4.70 19.03 7.59
CA MET A 439 -3.63 18.51 6.68
CA MET A 439 -3.57 18.59 6.74
C MET A 439 -3.46 19.49 5.52
N MET A 440 -2.24 19.68 5.05
CA MET A 440 -2.07 20.49 3.82
C MET A 440 -0.95 19.91 2.98
N ILE A 441 -1.02 20.25 1.72
CA ILE A 441 -0.05 19.78 0.72
C ILE A 441 1.30 20.45 0.98
N VAL A 442 2.34 19.66 0.76
CA VAL A 442 3.75 20.08 0.77
C VAL A 442 4.41 19.47 -0.46
N ASP A 443 5.10 20.29 -1.24
CA ASP A 443 5.84 19.83 -2.45
C ASP A 443 7.31 19.74 -2.09
N PRO A 444 8.14 18.95 -2.80
CA PRO A 444 9.54 18.87 -2.43
C PRO A 444 10.36 20.06 -2.95
N ALA A 445 10.01 20.57 -4.13
CA ALA A 445 10.85 21.53 -4.87
C ALA A 445 10.61 22.93 -4.30
N ILE A 446 11.69 23.67 -4.13
CA ILE A 446 11.75 24.96 -3.38
C ILE A 446 12.04 26.07 -4.38
N SER A 447 11.21 27.10 -4.37
CA SER A 447 11.32 28.27 -5.25
C SER A 447 12.74 28.85 -5.13
N SER A 448 13.43 28.99 -6.24
CA SER A 448 14.85 29.42 -6.36
C SER A 448 14.96 30.83 -6.93
N SER A 449 13.85 31.50 -7.25
CA SER A 449 13.88 32.73 -8.10
C SER A 449 13.61 34.00 -7.28
N GLY A 450 13.29 33.88 -5.99
CA GLY A 450 12.88 35.02 -5.15
C GLY A 450 14.14 35.85 -4.87
N PRO A 451 14.03 37.16 -4.59
CA PRO A 451 15.20 37.94 -4.21
C PRO A 451 15.94 37.24 -3.05
N ALA A 452 17.26 37.35 -3.03
CA ALA A 452 18.11 36.78 -1.97
C ALA A 452 17.66 37.36 -0.63
N GLY A 453 17.43 36.48 0.34
CA GLY A 453 17.08 36.86 1.72
C GLY A 453 15.58 36.99 1.93
N SER A 454 14.75 36.83 0.89
CA SER A 454 13.28 37.02 0.95
C SER A 454 12.53 35.70 1.19
N TYR A 455 13.19 34.53 1.09
CA TYR A 455 12.47 33.23 1.15
C TYR A 455 13.37 32.20 1.85
N ARG A 456 13.21 32.10 3.16
CA ARG A 456 14.11 31.35 4.07
C ARG A 456 14.27 29.91 3.61
N PRO A 457 13.23 29.16 3.18
CA PRO A 457 13.47 27.77 2.80
C PRO A 457 14.55 27.62 1.72
N TYR A 458 14.54 28.50 0.71
CA TYR A 458 15.58 28.52 -0.33
C TYR A 458 16.89 29.09 0.26
N ASP A 459 16.83 30.26 0.86
CA ASP A 459 18.06 30.96 1.36
C ASP A 459 18.81 30.03 2.33
N GLU A 460 18.11 29.43 3.29
CA GLU A 460 18.73 28.52 4.29
C GLU A 460 19.16 27.21 3.61
N GLY A 461 18.38 26.69 2.65
CA GLY A 461 18.76 25.48 1.89
C GLY A 461 20.07 25.70 1.16
N LEU A 462 20.23 26.85 0.53
CA LEU A 462 21.49 27.24 -0.18
C LEU A 462 22.65 27.25 0.82
N ARG A 463 22.47 27.88 1.98
CA ARG A 463 23.53 28.06 3.00
C ARG A 463 24.03 26.68 3.43
N ARG A 464 23.11 25.73 3.61
CA ARG A 464 23.43 24.43 4.21
C ARG A 464 23.69 23.37 3.15
N GLY A 465 23.61 23.70 1.85
CA GLY A 465 23.92 22.79 0.73
C GLY A 465 22.94 21.61 0.72
N VAL A 466 21.64 21.88 0.84
CA VAL A 466 20.61 20.79 0.95
C VAL A 466 20.18 20.27 -0.42
N PHE A 467 20.49 20.97 -1.52
CA PHE A 467 19.85 20.70 -2.83
C PHE A 467 20.68 19.71 -3.64
N ILE A 468 19.99 19.01 -4.52
CA ILE A 468 20.61 18.16 -5.57
C ILE A 468 21.39 19.09 -6.50
N THR A 469 22.62 18.72 -6.82
CA THR A 469 23.51 19.61 -7.60
C THR A 469 23.79 19.00 -8.95
N ASN A 470 24.27 19.83 -9.88
CA ASN A 470 24.59 19.39 -11.23
C ASN A 470 26.12 19.34 -11.40
N GLU A 471 26.55 19.16 -12.64
CA GLU A 471 27.96 18.89 -13.03
C GLU A 471 28.90 19.93 -12.40
N THR A 472 28.47 21.19 -12.29
CA THR A 472 29.33 22.32 -11.86
C THR A 472 29.19 22.55 -10.36
N GLY A 473 28.38 21.73 -9.66
CA GLY A 473 28.22 21.76 -8.21
C GLY A 473 27.22 22.82 -7.78
N GLN A 474 26.46 23.39 -8.70
CA GLN A 474 25.35 24.30 -8.36
C GLN A 474 24.04 23.52 -8.27
N PRO A 475 23.02 24.09 -7.62
CA PRO A 475 21.72 23.44 -7.53
C PRO A 475 21.13 23.21 -8.92
N LEU A 476 20.64 22.00 -9.13
CA LEU A 476 19.86 21.69 -10.35
C LEU A 476 18.54 22.46 -10.27
N ILE A 477 18.24 23.26 -11.29
CA ILE A 477 17.01 24.08 -11.31
C ILE A 477 16.04 23.47 -12.30
N GLY A 478 14.85 23.08 -11.83
CA GLY A 478 13.74 22.67 -12.70
C GLY A 478 12.60 23.64 -12.62
N LYS A 479 11.40 23.21 -12.98
CA LYS A 479 10.17 24.03 -12.93
C LYS A 479 9.06 23.21 -12.28
N VAL A 480 8.48 23.71 -11.20
CA VAL A 480 7.23 23.15 -10.68
C VAL A 480 6.31 24.34 -10.35
N TRP A 481 5.40 24.18 -9.40
CA TRP A 481 4.31 25.18 -9.20
C TRP A 481 4.82 26.62 -9.08
N PRO A 482 5.85 26.95 -8.27
CA PRO A 482 6.17 28.35 -8.04
C PRO A 482 6.95 28.96 -9.20
N GLY A 483 7.38 28.11 -10.14
CA GLY A 483 8.27 28.44 -11.26
C GLY A 483 9.58 27.72 -11.08
N SER A 484 10.71 28.42 -11.16
CA SER A 484 12.05 27.83 -11.02
C SER A 484 12.16 27.24 -9.61
N THR A 485 12.71 26.03 -9.49
CA THR A 485 12.84 25.34 -8.20
C THR A 485 14.14 24.55 -8.12
N ALA A 486 14.71 24.48 -6.92
CA ALA A 486 15.74 23.49 -6.58
C ALA A 486 15.10 22.28 -5.87
N PHE A 487 15.77 21.13 -5.88
CA PHE A 487 15.20 19.86 -5.38
C PHE A 487 16.00 19.40 -4.17
N PRO A 488 15.39 19.35 -2.98
CA PRO A 488 16.10 18.90 -1.79
C PRO A 488 16.62 17.48 -2.00
N ASP A 489 17.76 17.21 -1.40
CA ASP A 489 18.40 15.88 -1.39
C ASP A 489 18.14 15.24 -0.03
N PHE A 490 17.09 14.45 0.09
CA PHE A 490 16.69 13.81 1.38
C PHE A 490 17.58 12.60 1.72
N THR A 491 18.71 12.37 1.01
CA THR A 491 19.77 11.43 1.46
C THR A 491 20.85 12.20 2.22
N ASN A 492 20.82 13.53 2.20
CA ASN A 492 21.82 14.39 2.90
C ASN A 492 21.34 14.64 4.32
N PRO A 493 22.08 14.17 5.37
CA PRO A 493 21.70 14.42 6.75
C PRO A 493 21.44 15.89 7.06
N THR A 494 22.16 16.81 6.43
CA THR A 494 21.96 18.27 6.62
C THR A 494 20.62 18.70 6.02
N ALA A 495 20.20 18.12 4.90
CA ALA A 495 18.87 18.39 4.31
C ALA A 495 17.79 17.92 5.28
N LEU A 496 17.99 16.79 5.94
CA LEU A 496 17.00 16.30 6.95
C LEU A 496 16.86 17.34 8.07
N ALA A 497 17.97 17.88 8.56
CA ALA A 497 17.96 18.89 9.65
C ALA A 497 17.24 20.15 9.16
N TRP A 498 17.49 20.55 7.92
CA TRP A 498 16.87 21.76 7.28
C TRP A 498 15.34 21.52 7.12
N TRP A 499 14.95 20.32 6.73
CA TRP A 499 13.52 19.99 6.50
C TRP A 499 12.80 19.97 7.86
N GLU A 500 13.46 19.41 8.86
CA GLU A 500 12.96 19.42 10.26
C GLU A 500 12.72 20.87 10.71
N ASP A 501 13.70 21.75 10.50
CA ASP A 501 13.58 23.17 10.90
C ASP A 501 12.44 23.85 10.12
N MET A 502 12.37 23.69 8.79
CA MET A 502 11.33 24.40 7.98
C MET A 502 9.93 23.94 8.45
N VAL A 503 9.76 22.64 8.69
CA VAL A 503 8.47 22.09 9.17
C VAL A 503 8.16 22.64 10.58
N ALA A 504 9.12 22.61 11.52
CA ALA A 504 8.87 23.06 12.91
C ALA A 504 8.52 24.55 12.89
N GLU A 505 9.26 25.35 12.09
CA GLU A 505 9.03 26.82 12.02
C GLU A 505 7.63 27.10 11.46
N PHE A 506 7.26 26.38 10.40
CA PHE A 506 5.92 26.59 9.79
C PHE A 506 4.85 26.12 10.77
N HIS A 507 5.09 25.03 11.49
CA HIS A 507 4.10 24.49 12.47
C HIS A 507 3.89 25.52 13.61
N ASP A 508 4.94 26.27 13.98
CA ASP A 508 4.87 27.35 15.00
C ASP A 508 3.90 28.44 14.53
N GLN A 509 3.73 28.62 13.22
CA GLN A 509 2.82 29.62 12.64
C GLN A 509 1.42 29.01 12.51
N VAL A 510 1.34 27.79 12.00
CA VAL A 510 0.06 27.10 11.65
C VAL A 510 0.18 25.66 12.13
N PRO A 511 -0.60 25.23 13.15
CA PRO A 511 -0.35 23.94 13.80
C PRO A 511 -1.02 22.79 13.04
N PHE A 512 -0.54 22.50 11.83
CA PHE A 512 -1.03 21.40 10.96
C PHE A 512 -0.70 20.08 11.66
N ASP A 513 -1.48 19.03 11.38
CA ASP A 513 -1.45 17.73 12.11
C ASP A 513 -0.75 16.65 11.32
N GLY A 514 -0.29 16.97 10.11
CA GLY A 514 0.38 15.98 9.24
C GLY A 514 0.83 16.62 7.96
N MET A 515 1.38 15.84 7.04
CA MET A 515 1.85 16.37 5.75
C MET A 515 1.35 15.48 4.61
N TRP A 516 0.81 16.14 3.58
CA TRP A 516 0.44 15.51 2.31
C TRP A 516 1.58 15.81 1.33
N ILE A 517 2.45 14.83 1.11
CA ILE A 517 3.68 15.07 0.30
C ILE A 517 3.44 14.56 -1.14
N ASP A 518 3.33 15.52 -2.05
CA ASP A 518 2.93 15.34 -3.46
C ASP A 518 4.15 15.59 -4.36
N MET A 519 4.04 15.26 -5.66
CA MET A 519 5.02 15.64 -6.72
C MET A 519 6.43 15.13 -6.37
N ASN A 520 6.54 13.98 -5.70
CA ASN A 520 7.81 13.57 -5.08
C ASN A 520 8.37 12.35 -5.80
N GLU A 521 8.23 12.34 -7.13
CA GLU A 521 8.83 11.30 -7.99
C GLU A 521 10.35 11.47 -8.17
N PRO A 522 10.99 12.66 -8.21
CA PRO A 522 10.35 13.99 -8.16
C PRO A 522 9.82 14.44 -9.52
N SER A 523 8.69 15.13 -9.50
CA SER A 523 8.00 15.59 -10.73
C SER A 523 8.65 16.89 -11.18
N ASN A 524 8.94 16.99 -12.48
CA ASN A 524 9.53 18.20 -13.12
C ASN A 524 8.69 18.55 -14.35
N PHE A 525 8.22 19.78 -14.43
CA PHE A 525 7.37 20.28 -15.56
C PHE A 525 8.20 20.36 -16.83
N ILE A 526 9.52 20.41 -16.71
CA ILE A 526 10.43 20.42 -17.89
C ILE A 526 11.34 19.19 -17.79
N ARG A 527 12.07 18.93 -18.86
CA ARG A 527 12.87 17.71 -19.01
C ARG A 527 14.26 17.92 -18.40
N GLY A 528 14.50 17.26 -17.27
CA GLY A 528 15.84 17.27 -16.63
C GLY A 528 16.08 18.52 -15.79
N SER A 529 16.39 19.65 -16.44
CA SER A 529 16.62 20.94 -15.77
C SER A 529 16.38 22.06 -16.77
N GLU A 530 16.34 23.29 -16.28
CA GLU A 530 16.28 24.49 -17.13
C GLU A 530 17.46 24.49 -18.12
N ASP A 531 18.55 23.81 -17.75
CA ASP A 531 19.86 23.84 -18.45
C ASP A 531 20.05 22.52 -19.19
N GLY A 532 18.97 21.74 -19.30
CA GLY A 532 19.03 20.39 -19.89
C GLY A 532 19.93 19.49 -19.05
N CYS A 533 20.45 18.43 -19.68
CA CYS A 533 21.31 17.47 -18.98
C CYS A 533 22.53 17.23 -19.85
N PRO A 534 23.67 16.87 -19.24
CA PRO A 534 24.86 16.50 -20.02
C PRO A 534 24.66 15.21 -20.83
N ASN A 535 25.57 14.99 -21.79
CA ASN A 535 25.57 13.76 -22.59
C ASN A 535 26.53 12.80 -21.90
N ASN A 536 26.01 11.84 -21.12
CA ASN A 536 26.87 10.82 -20.47
C ASN A 536 26.08 9.52 -20.36
N GLU A 537 26.72 8.46 -19.87
CA GLU A 537 26.16 7.09 -19.89
C GLU A 537 25.01 6.96 -18.88
N LEU A 538 24.91 7.85 -17.90
CA LEU A 538 23.74 7.82 -16.93
C LEU A 538 22.51 8.44 -17.61
N GLU A 539 22.69 9.54 -18.34
CA GLU A 539 21.57 10.20 -19.05
C GLU A 539 21.14 9.36 -20.25
N ASN A 540 22.10 8.70 -20.91
CA ASN A 540 21.87 7.92 -22.15
C ASN A 540 22.41 6.51 -21.93
N PRO A 541 21.72 5.66 -21.14
CA PRO A 541 22.28 4.37 -20.76
C PRO A 541 22.12 3.33 -21.87
N PRO A 542 22.86 2.22 -21.80
CA PRO A 542 22.84 1.23 -22.89
C PRO A 542 21.49 0.50 -22.97
N TYR A 543 20.79 0.40 -21.85
CA TYR A 543 19.44 -0.21 -21.80
C TYR A 543 18.50 0.76 -21.09
N VAL A 544 17.52 1.27 -21.82
CA VAL A 544 16.47 2.16 -21.26
C VAL A 544 15.23 1.31 -21.04
N PRO A 545 14.79 1.12 -19.78
CA PRO A 545 13.56 0.35 -19.55
C PRO A 545 12.38 1.01 -20.28
N GLY A 546 11.21 0.36 -20.24
CA GLY A 546 10.01 0.79 -20.98
C GLY A 546 9.30 1.97 -20.34
N VAL A 547 10.03 3.01 -19.99
CA VAL A 547 9.46 4.19 -19.28
C VAL A 547 8.64 5.02 -20.26
N VAL A 548 7.57 5.64 -19.77
CA VAL A 548 6.81 6.65 -20.56
C VAL A 548 7.79 7.76 -20.96
N GLY A 549 7.83 8.07 -22.26
CA GLY A 549 8.68 9.15 -22.80
C GLY A 549 10.00 8.64 -23.34
N GLY A 550 10.38 7.40 -23.03
CA GLY A 550 11.54 6.74 -23.62
C GLY A 550 12.87 7.23 -23.06
N THR A 551 12.86 8.01 -21.97
CA THR A 551 14.09 8.54 -21.35
C THR A 551 13.89 8.56 -19.83
N LEU A 552 14.97 8.38 -19.08
CA LEU A 552 14.95 8.48 -17.60
C LEU A 552 14.69 9.93 -17.16
N GLN A 553 14.89 10.90 -18.05
CA GLN A 553 14.78 12.36 -17.76
CA GLN A 553 14.78 12.36 -17.73
C GLN A 553 13.32 12.84 -17.86
N ALA A 554 12.46 12.09 -18.55
CA ALA A 554 11.09 12.57 -18.86
C ALA A 554 10.34 12.84 -17.56
N ALA A 555 9.81 14.06 -17.40
CA ALA A 555 8.98 14.52 -16.26
C ALA A 555 9.75 14.45 -14.94
N THR A 556 11.08 14.53 -14.96
CA THR A 556 11.88 14.48 -13.71
C THR A 556 13.22 15.18 -13.94
N ILE A 557 14.17 14.95 -13.04
CA ILE A 557 15.46 15.67 -13.03
C ILE A 557 16.53 14.80 -13.67
N CYS A 558 17.69 15.42 -14.00
CA CYS A 558 18.77 14.74 -14.72
C CYS A 558 19.18 13.51 -13.91
N ALA A 559 19.46 12.41 -14.60
CA ALA A 559 19.90 11.14 -13.99
C ALA A 559 21.30 11.31 -13.38
N SER A 560 22.15 12.15 -13.97
CA SER A 560 23.57 12.25 -13.52
C SER A 560 23.73 13.33 -12.44
N SER A 561 22.63 13.92 -11.98
CA SER A 561 22.64 14.88 -10.85
C SER A 561 23.12 14.18 -9.58
N HIS A 562 23.69 14.97 -8.68
CA HIS A 562 24.43 14.49 -7.49
C HIS A 562 23.54 14.55 -6.24
N GLN A 563 23.50 13.45 -5.50
CA GLN A 563 22.96 13.41 -4.12
C GLN A 563 24.09 12.96 -3.19
N PHE A 564 23.85 13.09 -1.90
CA PHE A 564 24.87 12.78 -0.86
C PHE A 564 25.30 11.31 -1.00
N LEU A 565 24.36 10.39 -1.19
CA LEU A 565 24.69 8.94 -1.17
C LEU A 565 25.18 8.45 -2.54
N SER A 566 24.68 9.03 -3.63
CA SER A 566 24.97 8.55 -5.01
C SER A 566 24.38 9.53 -6.00
N THR A 567 24.41 9.18 -7.28
CA THR A 567 23.74 9.91 -8.37
C THR A 567 22.23 9.67 -8.27
N HIS A 568 21.45 10.57 -8.85
CA HIS A 568 19.99 10.42 -9.00
C HIS A 568 19.67 9.14 -9.77
N TYR A 569 20.50 8.75 -10.73
CA TYR A 569 20.33 7.50 -11.49
C TYR A 569 20.04 6.32 -10.54
N ASN A 570 20.82 6.20 -9.48
CA ASN A 570 20.69 5.09 -8.51
C ASN A 570 19.57 5.37 -7.50
N LEU A 571 19.33 6.64 -7.15
CA LEU A 571 18.45 6.98 -5.99
C LEU A 571 17.05 7.42 -6.40
N HIS A 572 16.81 7.70 -7.68
CA HIS A 572 15.52 8.25 -8.15
C HIS A 572 14.35 7.51 -7.50
N ASN A 573 14.31 6.18 -7.59
CA ASN A 573 13.11 5.42 -7.11
C ASN A 573 12.95 5.58 -5.60
N LEU A 574 13.95 6.10 -4.88
CA LEU A 574 13.86 6.32 -3.42
C LEU A 574 13.47 7.75 -3.07
N TYR A 575 13.33 8.66 -4.04
CA TYR A 575 13.14 10.11 -3.73
C TYR A 575 11.97 10.27 -2.75
N GLY A 576 10.80 9.79 -3.15
CA GLY A 576 9.57 9.91 -2.35
C GLY A 576 9.74 9.27 -0.98
N LEU A 577 10.23 8.05 -0.96
CA LEU A 577 10.50 7.34 0.32
C LEU A 577 11.41 8.19 1.20
N THR A 578 12.52 8.72 0.67
CA THR A 578 13.44 9.53 1.51
C THR A 578 12.71 10.76 2.04
N GLU A 579 11.87 11.41 1.22
CA GLU A 579 11.07 12.56 1.71
C GLU A 579 10.09 12.09 2.82
N ALA A 580 9.52 10.89 2.70
CA ALA A 580 8.53 10.40 3.68
C ALA A 580 9.26 10.15 5.01
N ILE A 581 10.47 9.60 4.94
CA ILE A 581 11.32 9.40 6.16
C ILE A 581 11.61 10.78 6.78
N ALA A 582 12.04 11.75 5.97
CA ALA A 582 12.43 13.11 6.47
C ALA A 582 11.23 13.79 7.12
N SER A 583 10.05 13.59 6.54
CA SER A 583 8.80 14.23 6.97
C SER A 583 8.29 13.57 8.25
N HIS A 584 8.38 12.23 8.33
CA HIS A 584 8.00 11.43 9.52
C HIS A 584 8.81 11.96 10.72
N ARG A 585 10.12 12.09 10.52
CA ARG A 585 11.03 12.58 11.59
C ARG A 585 10.68 14.03 11.93
N ALA A 586 10.51 14.89 10.92
CA ALA A 586 10.15 16.30 11.11
C ALA A 586 8.90 16.42 11.97
N LEU A 587 7.87 15.61 11.69
CA LEU A 587 6.58 15.72 12.39
C LEU A 587 6.68 15.21 13.83
N VAL A 588 7.45 14.15 14.06
CA VAL A 588 7.73 13.64 15.42
C VAL A 588 8.36 14.77 16.22
N LYS A 589 9.38 15.42 15.68
CA LYS A 589 10.10 16.48 16.42
C LYS A 589 9.19 17.68 16.62
N ALA A 590 8.37 18.04 15.63
CA ALA A 590 7.56 19.26 15.71
C ALA A 590 6.41 19.06 16.69
N ARG A 591 5.77 17.90 16.69
CA ARG A 591 4.47 17.72 17.39
C ARG A 591 4.63 16.84 18.64
N GLY A 592 5.59 15.90 18.65
CA GLY A 592 5.83 15.00 19.78
C GLY A 592 4.80 13.89 19.91
N THR A 593 4.02 13.66 18.85
CA THR A 593 3.01 12.59 18.74
C THR A 593 3.19 11.90 17.38
N ARG A 594 2.49 10.79 17.18
CA ARG A 594 2.61 9.94 15.96
C ARG A 594 2.46 10.79 14.72
N PRO A 595 3.36 10.64 13.73
CA PRO A 595 3.23 11.38 12.48
C PRO A 595 2.16 10.79 11.56
N PHE A 596 1.60 11.67 10.74
CA PHE A 596 0.65 11.30 9.68
C PHE A 596 1.11 11.88 8.35
N VAL A 597 1.77 11.05 7.55
CA VAL A 597 2.31 11.43 6.22
C VAL A 597 1.57 10.61 5.16
N ILE A 598 1.04 11.29 4.16
CA ILE A 598 0.41 10.65 2.98
C ILE A 598 1.23 11.06 1.75
N SER A 599 1.81 10.08 1.06
CA SER A 599 2.82 10.32 0.00
C SER A 599 2.31 9.81 -1.33
N ARG A 600 2.67 10.50 -2.41
CA ARG A 600 2.36 10.01 -3.76
C ARG A 600 3.37 8.94 -4.16
N SER A 601 4.63 9.31 -4.25
CA SER A 601 5.69 8.40 -4.71
C SER A 601 6.12 7.53 -3.54
N THR A 602 6.41 6.27 -3.81
CA THR A 602 6.77 5.28 -2.78
C THR A 602 7.81 4.33 -3.33
N PHE A 603 8.48 3.62 -2.42
CA PHE A 603 9.37 2.50 -2.72
C PHE A 603 9.11 1.42 -1.66
N ALA A 604 9.59 0.21 -1.92
CA ALA A 604 9.55 -0.88 -0.92
C ALA A 604 9.95 -0.37 0.45
N GLY A 605 9.12 -0.64 1.46
CA GLY A 605 9.39 -0.28 2.86
C GLY A 605 8.79 1.06 3.24
N HIS A 606 8.09 1.70 2.32
CA HIS A 606 7.42 3.02 2.55
C HIS A 606 6.48 2.94 3.77
N GLY A 607 5.78 1.83 3.93
CA GLY A 607 4.72 1.67 4.93
C GLY A 607 5.21 1.82 6.36
N ARG A 608 6.51 1.61 6.56
CA ARG A 608 7.18 1.82 7.86
C ARG A 608 7.06 3.29 8.28
N TYR A 609 6.83 4.23 7.33
CA TYR A 609 6.91 5.67 7.62
C TYR A 609 5.62 6.41 7.28
N ALA A 610 4.85 5.92 6.31
CA ALA A 610 3.82 6.75 5.68
C ALA A 610 2.74 5.89 5.01
N GLY A 611 1.70 6.57 4.59
CA GLY A 611 0.65 6.01 3.72
C GLY A 611 0.77 6.54 2.30
N HIS A 612 -0.22 6.22 1.48
CA HIS A 612 -0.18 6.49 0.02
C HIS A 612 -1.61 6.69 -0.45
N TRP A 613 -1.82 7.58 -1.41
CA TRP A 613 -3.06 7.61 -2.20
C TRP A 613 -2.69 7.34 -3.66
N THR A 614 -3.61 6.83 -4.46
CA THR A 614 -3.25 6.24 -5.78
C THR A 614 -3.15 7.32 -6.87
N GLY A 615 -3.21 8.61 -6.52
CA GLY A 615 -2.92 9.72 -7.45
C GLY A 615 -4.10 10.13 -8.31
N ASP A 616 -3.84 10.54 -9.55
CA ASP A 616 -4.78 11.38 -10.34
C ASP A 616 -5.71 10.46 -11.13
N VAL A 617 -6.52 9.72 -10.39
CA VAL A 617 -7.50 8.77 -10.97
C VAL A 617 -8.65 9.60 -11.55
N TRP A 618 -9.20 9.12 -12.67
CA TRP A 618 -10.38 9.73 -13.32
C TRP A 618 -11.63 9.38 -12.51
N SER A 619 -12.61 10.29 -12.52
CA SER A 619 -13.97 10.04 -12.00
C SER A 619 -14.72 9.14 -12.99
N SER A 620 -14.34 7.87 -13.05
CA SER A 620 -14.93 6.90 -14.01
C SER A 620 -15.27 5.61 -13.29
N TRP A 621 -16.22 4.83 -13.85
CA TRP A 621 -16.58 3.51 -13.30
C TRP A 621 -15.37 2.58 -13.42
N GLU A 622 -14.57 2.72 -14.47
CA GLU A 622 -13.37 1.85 -14.68
C GLU A 622 -12.35 2.12 -13.55
N GLN A 623 -12.19 3.37 -13.13
CA GLN A 623 -11.16 3.72 -12.09
C GLN A 623 -11.71 3.33 -10.71
N LEU A 624 -13.02 3.46 -10.48
CA LEU A 624 -13.63 2.91 -9.25
C LEU A 624 -13.25 1.43 -9.14
N ALA A 625 -13.48 0.65 -10.20
CA ALA A 625 -13.24 -0.80 -10.17
C ALA A 625 -11.74 -1.05 -9.95
N SER A 626 -10.88 -0.31 -10.65
CA SER A 626 -9.41 -0.47 -10.59
C SER A 626 -8.87 -0.18 -9.19
N SER A 627 -9.55 0.66 -8.42
CA SER A 627 -9.08 1.04 -7.06
C SER A 627 -9.04 -0.19 -6.15
N VAL A 628 -9.87 -1.20 -6.40
CA VAL A 628 -9.93 -2.34 -5.44
C VAL A 628 -8.64 -3.15 -5.53
N PRO A 629 -8.20 -3.63 -6.71
CA PRO A 629 -6.92 -4.32 -6.79
C PRO A 629 -5.74 -3.44 -6.35
N GLU A 630 -5.79 -2.13 -6.59
CA GLU A 630 -4.63 -1.28 -6.23
C GLU A 630 -4.53 -1.14 -4.71
N ILE A 631 -5.65 -0.94 -4.00
CA ILE A 631 -5.66 -0.88 -2.50
C ILE A 631 -5.18 -2.23 -1.95
N LEU A 632 -5.67 -3.34 -2.48
CA LEU A 632 -5.21 -4.70 -2.06
C LEU A 632 -3.70 -4.83 -2.30
N GLN A 633 -3.23 -4.39 -3.47
CA GLN A 633 -1.80 -4.54 -3.84
C GLN A 633 -0.92 -3.82 -2.81
N PHE A 634 -1.25 -2.57 -2.47
CA PHE A 634 -0.45 -1.79 -1.49
C PHE A 634 -0.49 -2.47 -0.12
N ASN A 635 -1.60 -3.13 0.25
CA ASN A 635 -1.64 -3.86 1.55
C ASN A 635 -0.66 -5.03 1.53
N LEU A 636 -0.56 -5.75 0.39
CA LEU A 636 0.40 -6.89 0.27
C LEU A 636 1.83 -6.33 0.38
N LEU A 637 2.03 -5.08 0.03
CA LEU A 637 3.38 -4.44 -0.01
C LEU A 637 3.69 -3.69 1.30
N GLY A 638 2.84 -3.81 2.32
CA GLY A 638 3.10 -3.25 3.66
C GLY A 638 2.81 -1.77 3.74
N VAL A 639 1.96 -1.27 2.86
CA VAL A 639 1.42 0.12 2.92
C VAL A 639 -0.09 0.02 3.08
N PRO A 640 -0.57 -0.44 4.26
CA PRO A 640 -2.00 -0.65 4.47
C PRO A 640 -2.77 0.68 4.48
N LEU A 641 -2.09 1.77 4.85
CA LEU A 641 -2.76 3.09 4.89
C LEU A 641 -2.78 3.64 3.47
N VAL A 642 -3.76 3.16 2.70
CA VAL A 642 -3.84 3.44 1.26
C VAL A 642 -5.31 3.64 0.87
N GLY A 643 -5.51 4.50 -0.11
CA GLY A 643 -6.83 4.66 -0.73
C GLY A 643 -6.72 5.47 -1.99
N ALA A 644 -7.84 5.54 -2.72
CA ALA A 644 -7.98 6.39 -3.92
C ALA A 644 -8.81 7.60 -3.52
N ASP A 645 -8.72 8.66 -4.32
CA ASP A 645 -9.56 9.88 -4.16
C ASP A 645 -11.03 9.45 -4.33
N VAL A 646 -11.81 9.56 -3.26
CA VAL A 646 -13.22 9.09 -3.27
C VAL A 646 -14.04 9.98 -4.22
N CYS A 647 -14.74 9.34 -5.16
CA CYS A 647 -15.55 9.93 -6.26
C CYS A 647 -14.65 10.29 -7.43
N GLY A 648 -13.34 10.05 -7.28
CA GLY A 648 -12.33 10.31 -8.31
C GLY A 648 -11.84 11.73 -8.35
N PHE A 649 -10.63 11.93 -8.89
CA PHE A 649 -9.93 13.22 -8.90
C PHE A 649 -10.22 13.98 -10.19
N LEU A 650 -9.83 13.43 -11.33
CA LEU A 650 -9.89 14.14 -12.64
C LEU A 650 -11.34 14.09 -13.17
N GLY A 651 -11.72 15.12 -13.91
CA GLY A 651 -13.03 15.16 -14.58
C GLY A 651 -14.14 15.38 -13.58
N ASN A 652 -15.37 15.13 -14.01
CA ASN A 652 -16.58 15.38 -13.20
C ASN A 652 -17.19 14.06 -12.79
N THR A 653 -17.46 13.89 -11.49
CA THR A 653 -18.16 12.71 -11.00
C THR A 653 -19.65 12.81 -11.36
N SER A 654 -20.35 11.70 -11.34
CA SER A 654 -21.83 11.70 -11.40
C SER A 654 -22.32 11.42 -9.98
N GLU A 655 -23.59 11.70 -9.69
CA GLU A 655 -24.15 11.36 -8.38
C GLU A 655 -24.07 9.85 -8.17
N GLU A 656 -24.51 9.05 -9.13
CA GLU A 656 -24.53 7.57 -8.97
C GLU A 656 -23.09 7.10 -8.68
N LEU A 657 -22.11 7.59 -9.45
CA LEU A 657 -20.71 7.13 -9.27
C LEU A 657 -20.21 7.53 -7.87
N CYS A 658 -20.51 8.75 -7.44
CA CYS A 658 -20.11 9.23 -6.09
C CYS A 658 -20.79 8.42 -4.98
N VAL A 659 -22.04 7.97 -5.13
CA VAL A 659 -22.65 7.08 -4.12
C VAL A 659 -21.86 5.77 -4.05
N ARG A 660 -21.64 5.14 -5.19
CA ARG A 660 -20.94 3.82 -5.25
C ARG A 660 -19.51 4.02 -4.73
N TRP A 661 -18.86 5.11 -5.11
CA TRP A 661 -17.43 5.31 -4.73
C TRP A 661 -17.33 5.59 -3.23
N THR A 662 -18.28 6.32 -2.65
CA THR A 662 -18.34 6.57 -1.19
C THR A 662 -18.58 5.25 -0.47
N GLN A 663 -19.49 4.40 -0.98
CA GLN A 663 -19.77 3.09 -0.39
C GLN A 663 -18.50 2.23 -0.34
N LEU A 664 -17.79 2.10 -1.47
CA LEU A 664 -16.58 1.25 -1.52
C LEU A 664 -15.47 1.95 -0.75
N GLY A 665 -15.33 3.26 -0.98
CA GLY A 665 -14.26 4.09 -0.42
C GLY A 665 -14.30 4.14 1.11
N ALA A 666 -15.47 3.95 1.73
CA ALA A 666 -15.60 3.84 3.20
C ALA A 666 -14.87 2.58 3.68
N PHE A 667 -14.49 1.65 2.78
CA PHE A 667 -13.68 0.48 3.16
C PHE A 667 -12.22 0.61 2.66
N TYR A 668 -11.83 1.76 2.14
CA TYR A 668 -10.39 2.05 1.97
C TYR A 668 -9.81 2.28 3.37
N PRO A 669 -8.65 1.69 3.73
CA PRO A 669 -8.05 1.99 5.04
C PRO A 669 -7.76 3.49 5.24
N PHE A 670 -7.39 4.20 4.16
CA PHE A 670 -7.28 5.67 4.10
C PHE A 670 -8.42 6.20 3.23
N MET A 671 -9.33 6.97 3.81
CA MET A 671 -10.56 7.44 3.13
C MET A 671 -10.55 8.96 3.01
N ARG A 672 -10.24 9.45 1.82
CA ARG A 672 -10.25 10.89 1.51
C ARG A 672 -11.02 11.07 0.20
N ASN A 673 -11.90 12.06 0.19
CA ASN A 673 -12.52 12.60 -1.04
C ASN A 673 -11.71 13.81 -1.45
N HIS A 674 -11.13 13.77 -2.64
CA HIS A 674 -10.29 14.88 -3.17
C HIS A 674 -10.67 15.08 -4.62
N ASN A 675 -10.48 16.29 -5.13
CA ASN A 675 -11.14 16.79 -6.35
C ASN A 675 -10.26 17.82 -7.05
N SER A 676 -10.28 17.83 -8.39
CA SER A 676 -9.40 18.72 -9.16
C SER A 676 -10.01 20.12 -9.25
N LEU A 677 -9.18 21.05 -9.67
CA LEU A 677 -9.45 22.52 -9.67
C LEU A 677 -10.70 22.84 -10.51
N LEU A 678 -10.85 22.27 -11.70
CA LEU A 678 -11.93 22.73 -12.63
C LEU A 678 -13.15 21.80 -12.54
N SER A 679 -13.15 20.87 -11.59
CA SER A 679 -14.19 19.83 -11.48
C SER A 679 -15.42 20.42 -10.80
N LEU A 680 -16.58 19.86 -11.09
CA LEU A 680 -17.81 20.09 -10.31
C LEU A 680 -17.60 19.59 -8.89
N PRO A 681 -18.24 20.24 -7.89
CA PRO A 681 -18.09 19.85 -6.49
C PRO A 681 -18.53 18.41 -6.29
N GLN A 682 -17.96 17.72 -5.29
CA GLN A 682 -18.30 16.32 -4.97
C GLN A 682 -18.22 16.05 -3.47
N GLU A 683 -18.36 17.08 -2.62
CA GLU A 683 -18.53 16.87 -1.16
C GLU A 683 -19.89 16.18 -0.98
N PRO A 684 -20.01 15.30 0.03
CA PRO A 684 -21.26 14.60 0.33
C PRO A 684 -22.50 15.49 0.40
N TYR A 685 -22.39 16.69 0.97
CA TYR A 685 -23.52 17.64 1.12
C TYR A 685 -23.93 18.29 -0.20
N SER A 686 -23.22 18.05 -1.30
CA SER A 686 -23.49 18.71 -2.62
C SER A 686 -24.44 17.87 -3.49
N PHE A 687 -24.93 16.72 -2.99
CA PHE A 687 -25.77 15.79 -3.78
C PHE A 687 -27.22 15.86 -3.29
N SER A 688 -28.08 15.12 -3.97
CA SER A 688 -29.54 15.03 -3.66
C SER A 688 -29.72 14.35 -2.30
N GLU A 689 -30.91 14.46 -1.72
CA GLU A 689 -31.21 13.89 -0.39
C GLU A 689 -30.96 12.39 -0.39
N PRO A 690 -31.49 11.61 -1.36
CA PRO A 690 -31.28 10.16 -1.38
C PRO A 690 -29.80 9.78 -1.47
N ALA A 691 -29.03 10.52 -2.27
CA ALA A 691 -27.57 10.29 -2.41
C ALA A 691 -26.87 10.63 -1.08
N GLN A 692 -27.27 11.72 -0.42
CA GLN A 692 -26.72 12.11 0.91
C GLN A 692 -26.98 11.02 1.93
N GLN A 693 -28.20 10.46 1.98
CA GLN A 693 -28.57 9.40 2.93
C GLN A 693 -27.65 8.20 2.74
N ALA A 694 -27.39 7.80 1.49
CA ALA A 694 -26.53 6.61 1.23
C ALA A 694 -25.09 6.89 1.70
N MET A 695 -24.60 8.08 1.38
CA MET A 695 -23.23 8.52 1.77
C MET A 695 -23.12 8.61 3.29
N ARG A 696 -24.17 9.11 3.95
CA ARG A 696 -24.21 9.22 5.44
C ARG A 696 -24.16 7.83 6.05
N LYS A 697 -24.88 6.87 5.48
CA LYS A 697 -24.85 5.48 5.98
C LYS A 697 -23.44 4.89 5.85
N ALA A 698 -22.78 5.07 4.71
CA ALA A 698 -21.41 4.58 4.47
C ALA A 698 -20.44 5.16 5.51
N LEU A 699 -20.55 6.46 5.80
CA LEU A 699 -19.65 7.16 6.76
C LEU A 699 -19.99 6.72 8.19
N THR A 700 -21.29 6.54 8.49
CA THR A 700 -21.75 6.06 9.81
C THR A 700 -21.18 4.68 10.07
N LEU A 701 -21.28 3.77 9.10
CA LEU A 701 -20.80 2.38 9.27
C LEU A 701 -19.27 2.39 9.45
N ARG A 702 -18.54 3.16 8.65
CA ARG A 702 -17.06 3.25 8.86
C ARG A 702 -16.78 3.73 10.28
N TYR A 703 -17.40 4.82 10.73
CA TYR A 703 -17.14 5.34 12.09
C TYR A 703 -17.46 4.27 13.14
N ALA A 704 -18.54 3.50 12.97
CA ALA A 704 -18.94 2.46 13.92
C ALA A 704 -17.86 1.38 13.98
N LEU A 705 -17.17 1.14 12.85
CA LEU A 705 -16.17 0.04 12.72
C LEU A 705 -14.76 0.53 13.12
N LEU A 706 -14.57 1.80 13.47
CA LEU A 706 -13.19 2.35 13.72
C LEU A 706 -12.44 1.61 14.82
N PRO A 707 -13.04 1.16 15.95
CA PRO A 707 -12.29 0.38 16.91
C PRO A 707 -11.69 -0.89 16.28
N HIS A 708 -12.46 -1.53 15.41
CA HIS A 708 -12.05 -2.77 14.68
C HIS A 708 -10.94 -2.40 13.67
N LEU A 709 -11.16 -1.39 12.84
CA LEU A 709 -10.15 -0.95 11.82
C LEU A 709 -8.85 -0.55 12.54
N TYR A 710 -8.93 0.13 13.69
CA TYR A 710 -7.74 0.51 14.50
C TYR A 710 -7.02 -0.75 15.00
N THR A 711 -7.78 -1.76 15.42
CA THR A 711 -7.23 -3.05 15.88
C THR A 711 -6.53 -3.73 14.71
N LEU A 712 -7.10 -3.68 13.50
CA LEU A 712 -6.43 -4.30 12.32
C LEU A 712 -5.13 -3.52 12.06
N PHE A 713 -5.11 -2.21 12.24
CA PHE A 713 -3.83 -1.46 12.05
C PHE A 713 -2.80 -1.85 13.10
N HIS A 714 -3.22 -2.13 14.33
CA HIS A 714 -2.34 -2.62 15.41
C HIS A 714 -1.71 -3.94 14.95
N GLN A 715 -2.49 -4.85 14.35
CA GLN A 715 -1.99 -6.19 13.92
C GLN A 715 -1.00 -5.98 12.77
N ALA A 716 -1.25 -5.02 11.89
CA ALA A 716 -0.32 -4.70 10.79
C ALA A 716 0.99 -4.25 11.44
N HIS A 717 0.88 -3.35 12.41
CA HIS A 717 2.05 -2.69 13.01
C HIS A 717 2.87 -3.69 13.84
N VAL A 718 2.25 -4.63 14.55
CA VAL A 718 2.99 -5.54 15.49
CA VAL A 718 3.04 -5.53 15.47
C VAL A 718 3.35 -6.87 14.83
N ALA A 719 2.63 -7.26 13.77
CA ALA A 719 2.74 -8.64 13.24
C ALA A 719 2.82 -8.68 11.71
N GLY A 720 2.87 -7.55 11.01
CA GLY A 720 3.05 -7.53 9.54
C GLY A 720 1.82 -8.05 8.82
N GLU A 721 0.66 -7.96 9.45
CA GLU A 721 -0.63 -8.34 8.83
C GLU A 721 -1.03 -7.29 7.79
N THR A 722 -1.90 -7.68 6.86
CA THR A 722 -2.63 -6.76 5.97
C THR A 722 -3.87 -6.25 6.71
N VAL A 723 -4.37 -5.09 6.31
CA VAL A 723 -5.63 -4.51 6.80
C VAL A 723 -6.72 -4.83 5.78
N ALA A 724 -6.67 -4.25 4.59
CA ALA A 724 -7.51 -4.67 3.45
C ALA A 724 -6.82 -5.85 2.78
N ARG A 725 -7.50 -6.97 2.62
CA ARG A 725 -6.80 -8.15 2.04
C ARG A 725 -7.65 -8.84 0.99
N PRO A 726 -7.00 -9.41 -0.03
CA PRO A 726 -7.71 -10.16 -1.05
C PRO A 726 -8.24 -11.47 -0.45
N LEU A 727 -9.32 -12.00 -1.01
CA LEU A 727 -9.89 -13.28 -0.53
C LEU A 727 -8.80 -14.35 -0.53
N PHE A 728 -7.89 -14.37 -1.51
CA PHE A 728 -6.90 -15.48 -1.66
C PHE A 728 -5.88 -15.43 -0.52
N LEU A 729 -5.73 -14.28 0.16
CA LEU A 729 -4.83 -14.24 1.36
C LEU A 729 -5.49 -14.97 2.52
N GLU A 730 -6.82 -14.92 2.59
CA GLU A 730 -7.55 -15.51 3.74
C GLU A 730 -7.94 -16.95 3.43
N PHE A 731 -8.21 -17.28 2.16
CA PHE A 731 -8.66 -18.64 1.74
C PHE A 731 -7.81 -19.15 0.59
N PRO A 732 -6.46 -19.22 0.76
CA PRO A 732 -5.59 -19.58 -0.35
C PRO A 732 -5.81 -21.01 -0.88
N LYS A 733 -6.35 -21.91 -0.05
CA LYS A 733 -6.59 -23.33 -0.45
C LYS A 733 -7.85 -23.44 -1.32
N ASP A 734 -8.59 -22.36 -1.47
CA ASP A 734 -9.75 -22.28 -2.40
C ASP A 734 -9.30 -21.54 -3.66
N SER A 735 -8.95 -22.29 -4.72
CA SER A 735 -8.36 -21.71 -5.96
C SER A 735 -9.36 -20.77 -6.65
N SER A 736 -10.67 -20.91 -6.39
CA SER A 736 -11.69 -19.98 -6.92
C SER A 736 -11.42 -18.54 -6.43
N THR A 737 -10.71 -18.35 -5.33
CA THR A 737 -10.42 -16.98 -4.80
C THR A 737 -9.26 -16.32 -5.56
N TRP A 738 -8.44 -17.09 -6.28
CA TRP A 738 -7.14 -16.56 -6.78
C TRP A 738 -7.28 -15.35 -7.70
N THR A 739 -8.34 -15.29 -8.52
CA THR A 739 -8.52 -14.17 -9.49
C THR A 739 -9.53 -13.15 -8.96
N VAL A 740 -10.03 -13.31 -7.74
CA VAL A 740 -10.99 -12.33 -7.17
C VAL A 740 -10.22 -11.07 -6.75
N ASP A 741 -10.59 -9.92 -7.29
CA ASP A 741 -10.02 -8.61 -6.89
C ASP A 741 -11.05 -7.50 -7.02
N HIS A 742 -12.37 -7.80 -7.16
CA HIS A 742 -13.42 -6.76 -7.04
C HIS A 742 -14.25 -6.94 -5.76
N GLN A 743 -13.77 -7.82 -4.87
CA GLN A 743 -14.21 -7.92 -3.47
C GLN A 743 -12.96 -7.72 -2.60
N LEU A 744 -13.15 -7.36 -1.34
CA LEU A 744 -12.04 -7.25 -0.39
C LEU A 744 -12.51 -7.68 0.98
N LEU A 745 -11.55 -8.14 1.80
CA LEU A 745 -11.78 -8.34 3.24
C LEU A 745 -11.15 -7.18 4.00
N TRP A 746 -11.78 -6.78 5.08
CA TRP A 746 -11.06 -6.19 6.23
C TRP A 746 -10.67 -7.34 7.13
N GLY A 747 -9.37 -7.53 7.37
CA GLY A 747 -8.86 -8.61 8.22
C GLY A 747 -9.43 -9.95 7.77
N GLU A 748 -9.76 -10.82 8.74
CA GLU A 748 -10.17 -12.22 8.49
C GLU A 748 -11.66 -12.25 8.21
N ALA A 749 -12.45 -11.26 8.65
CA ALA A 749 -13.89 -11.53 8.93
C ALA A 749 -14.88 -10.68 8.12
N LEU A 750 -14.49 -9.54 7.56
CA LEU A 750 -15.48 -8.65 6.94
C LEU A 750 -15.31 -8.67 5.44
N LEU A 751 -16.34 -9.13 4.74
CA LEU A 751 -16.30 -9.30 3.27
C LEU A 751 -17.14 -8.20 2.67
N ILE A 752 -16.51 -7.42 1.81
CA ILE A 752 -17.13 -6.25 1.13
C ILE A 752 -17.26 -6.55 -0.35
N THR A 753 -18.50 -6.53 -0.85
CA THR A 753 -18.84 -6.89 -2.24
C THR A 753 -19.51 -5.68 -2.89
N PRO A 754 -18.70 -4.72 -3.42
CA PRO A 754 -19.25 -3.47 -3.92
C PRO A 754 -19.88 -3.62 -5.30
N VAL A 755 -20.86 -2.76 -5.58
CA VAL A 755 -21.26 -2.48 -6.99
C VAL A 755 -20.22 -1.52 -7.59
N LEU A 756 -19.71 -1.88 -8.77
CA LEU A 756 -18.61 -1.16 -9.44
C LEU A 756 -19.00 -0.78 -10.87
N GLN A 757 -20.31 -0.81 -11.17
CA GLN A 757 -20.83 -0.47 -12.51
C GLN A 757 -22.11 0.34 -12.41
N ALA A 758 -22.32 1.20 -13.40
CA ALA A 758 -23.52 2.07 -13.51
C ALA A 758 -24.77 1.20 -13.75
N GLY A 759 -25.90 1.58 -13.16
CA GLY A 759 -27.23 1.01 -13.50
C GLY A 759 -27.43 -0.38 -12.94
N LYS A 760 -26.62 -0.81 -11.98
CA LYS A 760 -26.78 -2.13 -11.34
C LYS A 760 -27.59 -2.01 -10.06
N ALA A 761 -28.50 -2.95 -9.81
CA ALA A 761 -29.26 -3.06 -8.54
C ALA A 761 -28.93 -4.41 -7.89
N GLU A 762 -27.90 -5.08 -8.37
CA GLU A 762 -27.41 -6.35 -7.79
C GLU A 762 -25.93 -6.53 -8.11
N VAL A 763 -25.30 -7.46 -7.40
CA VAL A 763 -23.85 -7.74 -7.58
C VAL A 763 -23.65 -9.21 -7.32
N THR A 764 -22.77 -9.84 -8.09
CA THR A 764 -22.39 -11.25 -7.91
C THR A 764 -20.98 -11.28 -7.33
N GLY A 765 -20.84 -11.90 -6.16
CA GLY A 765 -19.55 -12.00 -5.46
C GLY A 765 -19.28 -13.42 -5.02
N TYR A 766 -18.01 -13.75 -4.82
CA TYR A 766 -17.57 -15.07 -4.34
C TYR A 766 -17.65 -15.12 -2.81
N PHE A 767 -18.29 -16.16 -2.30
CA PHE A 767 -18.37 -16.46 -0.84
C PHE A 767 -17.62 -17.73 -0.55
N PRO A 768 -16.46 -17.64 0.13
CA PRO A 768 -15.75 -18.83 0.55
C PRO A 768 -16.67 -19.69 1.43
N LEU A 769 -16.30 -20.96 1.57
CA LEU A 769 -17.03 -21.95 2.39
C LEU A 769 -17.20 -21.40 3.81
N GLY A 770 -18.44 -21.39 4.31
CA GLY A 770 -18.78 -20.92 5.65
C GLY A 770 -20.09 -20.18 5.66
N THR A 771 -20.46 -19.65 6.83
CA THR A 771 -21.65 -18.81 6.99
C THR A 771 -21.22 -17.35 7.01
N TRP A 772 -21.89 -16.52 6.23
CA TRP A 772 -21.63 -15.08 6.13
C TRP A 772 -22.89 -14.31 6.51
N TYR A 773 -22.84 -13.60 7.64
CA TYR A 773 -24.02 -12.85 8.14
C TYR A 773 -24.06 -11.48 7.49
N ASP A 774 -25.25 -11.06 7.07
CA ASP A 774 -25.47 -9.70 6.52
C ASP A 774 -25.26 -8.70 7.66
N LEU A 775 -24.29 -7.81 7.52
CA LEU A 775 -23.98 -6.83 8.59
C LEU A 775 -25.18 -5.90 8.82
N GLN A 776 -26.10 -5.80 7.87
CA GLN A 776 -27.32 -4.96 8.04
C GLN A 776 -28.18 -5.50 9.19
N THR A 777 -27.91 -6.69 9.73
CA THR A 777 -28.70 -7.26 10.86
C THR A 777 -28.12 -6.76 12.19
N VAL A 778 -27.00 -6.03 12.14
CA VAL A 778 -26.38 -5.43 13.35
C VAL A 778 -26.87 -3.99 13.47
N PRO A 779 -27.60 -3.63 14.55
CA PRO A 779 -28.06 -2.23 14.72
C PRO A 779 -26.88 -1.26 14.89
N ILE A 780 -26.92 -0.17 14.13
CA ILE A 780 -25.93 0.96 14.13
C ILE A 780 -26.72 2.25 14.24
N GLU A 781 -26.39 3.11 15.21
CA GLU A 781 -26.97 4.46 15.40
C GLU A 781 -26.31 5.44 14.44
N ALA A 782 -27.08 6.28 13.75
CA ALA A 782 -26.58 7.41 12.95
C ALA A 782 -27.07 8.71 13.58
N LEU A 783 -26.33 9.81 13.41
CA LEU A 783 -26.74 11.14 13.90
C LEU A 783 -27.80 11.73 12.97
N GLY A 784 -27.72 11.47 11.66
CA GLY A 784 -28.68 12.01 10.67
C GLY A 784 -29.50 10.92 10.03
N SER A 785 -30.27 11.24 8.98
CA SER A 785 -31.19 10.31 8.30
C SER A 785 -30.42 9.29 7.43
N LEU A 786 -30.83 8.04 7.52
CA LEU A 786 -30.31 6.92 6.70
C LEU A 786 -31.34 6.51 5.66
N PRO A 787 -30.98 5.65 4.67
CA PRO A 787 -31.96 5.19 3.69
C PRO A 787 -33.08 4.39 4.36
N PRO A 788 -34.31 4.42 3.82
CA PRO A 788 -35.39 3.58 4.36
C PRO A 788 -35.00 2.11 4.20
N PRO A 789 -35.35 1.22 5.16
CA PRO A 789 -35.11 -0.21 5.00
C PRO A 789 -35.66 -0.70 3.65
N PRO A 790 -35.09 -1.77 3.06
CA PRO A 790 -35.50 -2.24 1.74
C PRO A 790 -36.95 -2.75 1.71
N ALA A 791 -37.61 -2.66 0.55
CA ALA A 791 -38.98 -3.16 0.29
C ALA A 791 -39.04 -4.66 0.61
N ALA A 792 -38.10 -5.44 0.07
CA ALA A 792 -37.97 -6.89 0.29
C ALA A 792 -36.88 -7.16 1.34
N PRO A 793 -37.18 -7.95 2.40
CA PRO A 793 -36.16 -8.32 3.38
C PRO A 793 -35.05 -9.13 2.71
N ARG A 794 -33.80 -8.96 3.14
CA ARG A 794 -32.62 -9.66 2.57
C ARG A 794 -32.28 -10.86 3.45
N GLU A 795 -31.65 -11.88 2.87
CA GLU A 795 -31.15 -13.07 3.60
C GLU A 795 -30.22 -12.60 4.72
N PRO A 796 -30.55 -12.92 5.99
CA PRO A 796 -29.67 -12.58 7.11
C PRO A 796 -28.33 -13.33 7.11
N ALA A 797 -28.28 -14.54 6.50
CA ALA A 797 -27.07 -15.38 6.46
C ALA A 797 -26.92 -16.03 5.08
N ILE A 798 -25.74 -15.91 4.48
CA ILE A 798 -25.37 -16.70 3.26
C ILE A 798 -24.62 -17.95 3.75
N HIS A 799 -25.21 -19.14 3.53
CA HIS A 799 -24.60 -20.44 3.88
C HIS A 799 -23.90 -20.95 2.62
N SER A 800 -22.60 -20.66 2.48
CA SER A 800 -21.86 -20.91 1.22
C SER A 800 -21.09 -22.23 1.31
N GLU A 801 -21.04 -22.93 0.17
CA GLU A 801 -20.18 -24.12 -0.02
C GLU A 801 -18.86 -23.69 -0.67
N GLY A 802 -18.67 -22.38 -0.86
CA GLY A 802 -17.59 -21.86 -1.72
C GLY A 802 -18.14 -21.68 -3.11
N GLN A 803 -18.76 -20.54 -3.37
CA GLN A 803 -19.61 -20.38 -4.55
C GLN A 803 -19.85 -18.89 -4.79
N TRP A 804 -20.27 -18.57 -6.00
CA TRP A 804 -20.72 -17.25 -6.46
C TRP A 804 -22.18 -17.05 -6.07
N VAL A 805 -22.51 -15.90 -5.50
CA VAL A 805 -23.86 -15.54 -5.01
C VAL A 805 -24.23 -14.18 -5.59
N THR A 806 -25.45 -14.05 -6.14
CA THR A 806 -26.01 -12.76 -6.61
C THR A 806 -26.79 -12.12 -5.45
N LEU A 807 -26.39 -10.91 -5.05
CA LEU A 807 -26.95 -10.18 -3.89
C LEU A 807 -27.76 -9.01 -4.41
N PRO A 808 -28.89 -8.66 -3.74
CA PRO A 808 -29.53 -7.39 -4.00
C PRO A 808 -28.54 -6.28 -3.61
N ALA A 809 -28.48 -5.23 -4.41
CA ALA A 809 -27.56 -4.09 -4.21
C ALA A 809 -28.16 -2.85 -4.87
N PRO A 810 -29.31 -2.35 -4.38
CA PRO A 810 -29.85 -1.09 -4.85
C PRO A 810 -28.84 0.04 -4.61
N LEU A 811 -29.11 1.22 -5.17
CA LEU A 811 -28.17 2.36 -5.10
C LEU A 811 -27.80 2.66 -3.64
N ASP A 812 -28.73 2.49 -2.68
CA ASP A 812 -28.50 2.91 -1.28
C ASP A 812 -27.78 1.83 -0.48
N THR A 813 -27.32 0.76 -1.13
CA THR A 813 -26.76 -0.43 -0.45
C THR A 813 -25.33 -0.73 -0.93
N ILE A 814 -24.45 -1.07 0.02
CA ILE A 814 -23.25 -1.90 -0.27
C ILE A 814 -23.33 -3.16 0.58
N ASN A 815 -23.03 -4.30 -0.04
CA ASN A 815 -23.02 -5.61 0.63
C ASN A 815 -21.78 -5.72 1.52
N VAL A 816 -22.02 -5.94 2.81
CA VAL A 816 -20.97 -6.25 3.81
C VAL A 816 -21.43 -7.47 4.61
N HIS A 817 -20.61 -8.52 4.67
CA HIS A 817 -20.95 -9.76 5.38
C HIS A 817 -19.88 -10.05 6.43
N LEU A 818 -20.31 -10.55 7.57
CA LEU A 818 -19.43 -10.91 8.70
C LEU A 818 -19.31 -12.42 8.75
N ARG A 819 -18.08 -12.89 8.70
CA ARG A 819 -17.69 -14.32 8.75
C ARG A 819 -18.11 -14.94 10.09
N ALA A 820 -18.83 -16.07 10.04
CA ALA A 820 -19.15 -16.82 11.28
C ALA A 820 -17.85 -17.26 11.95
N GLY A 821 -17.80 -17.07 13.27
CA GLY A 821 -16.65 -17.40 14.13
C GLY A 821 -15.89 -16.16 14.56
N TYR A 822 -16.42 -14.97 14.30
CA TYR A 822 -15.72 -13.69 14.57
C TYR A 822 -16.61 -12.73 15.36
N ILE A 823 -15.94 -11.95 16.19
CA ILE A 823 -16.51 -10.89 17.07
C ILE A 823 -15.83 -9.58 16.67
N ILE A 824 -16.65 -8.58 16.39
CA ILE A 824 -16.20 -7.23 15.96
C ILE A 824 -16.57 -6.25 17.07
N PRO A 825 -15.61 -5.43 17.53
CA PRO A 825 -15.95 -4.30 18.40
C PRO A 825 -16.46 -3.14 17.55
N LEU A 826 -17.45 -2.43 18.05
CA LEU A 826 -18.02 -1.21 17.44
C LEU A 826 -18.10 -0.10 18.47
N GLN A 827 -18.18 1.14 18.01
CA GLN A 827 -18.38 2.27 18.94
C GLN A 827 -19.44 3.21 18.36
N GLY A 828 -20.13 3.91 19.25
CA GLY A 828 -21.29 4.77 18.96
C GLY A 828 -20.88 5.91 18.05
N PRO A 829 -21.87 6.71 17.63
CA PRO A 829 -21.68 7.65 16.54
C PRO A 829 -21.01 8.95 17.00
N GLY A 830 -20.50 9.68 16.02
CA GLY A 830 -19.88 10.99 16.21
C GLY A 830 -19.60 11.61 14.87
N LEU A 831 -19.47 12.92 14.81
CA LEU A 831 -19.08 13.59 13.57
C LEU A 831 -17.53 13.65 13.51
N THR A 832 -16.85 13.33 14.61
CA THR A 832 -15.36 13.22 14.68
C THR A 832 -15.01 12.02 15.55
N THR A 833 -13.79 11.52 15.45
CA THR A 833 -13.26 10.47 16.35
C THR A 833 -13.11 11.04 17.76
N THR A 834 -12.97 12.37 17.90
CA THR A 834 -12.90 12.99 19.25
C THR A 834 -14.22 12.71 19.99
N GLU A 835 -15.34 12.81 19.28
CA GLU A 835 -16.70 12.55 19.82
C GLU A 835 -16.93 11.02 19.89
N SER A 836 -16.63 10.28 18.82
CA SER A 836 -16.97 8.83 18.75
C SER A 836 -16.23 8.06 19.85
N ARG A 837 -14.96 8.39 20.14
CA ARG A 837 -14.13 7.62 21.09
C ARG A 837 -14.71 7.72 22.52
N GLN A 838 -15.57 8.70 22.76
CA GLN A 838 -16.20 8.90 24.10
C GLN A 838 -17.48 8.08 24.22
N GLN A 839 -17.96 7.47 23.14
CA GLN A 839 -19.27 6.77 23.11
C GLN A 839 -19.13 5.38 23.71
N PRO A 840 -20.24 4.79 24.21
CA PRO A 840 -20.22 3.39 24.59
C PRO A 840 -19.96 2.53 23.35
N MET A 841 -19.43 1.35 23.61
CA MET A 841 -19.06 0.36 22.59
C MET A 841 -20.13 -0.74 22.51
N ALA A 842 -19.99 -1.58 21.50
CA ALA A 842 -20.88 -2.71 21.24
C ALA A 842 -20.05 -3.85 20.69
N LEU A 843 -20.54 -5.08 20.80
CA LEU A 843 -19.95 -6.25 20.13
C LEU A 843 -20.95 -6.76 19.09
N ALA A 844 -20.43 -7.15 17.91
CA ALA A 844 -21.17 -7.99 16.94
C ALA A 844 -20.56 -9.38 17.00
N VAL A 845 -21.34 -10.38 17.42
CA VAL A 845 -20.86 -11.75 17.71
C VAL A 845 -21.45 -12.72 16.67
N ALA A 846 -20.64 -13.15 15.71
CA ALA A 846 -21.09 -13.98 14.57
C ALA A 846 -20.82 -15.45 14.92
N LEU A 847 -21.84 -16.18 15.37
CA LEU A 847 -21.58 -17.55 15.87
C LEU A 847 -21.39 -18.50 14.70
N THR A 848 -20.52 -19.48 14.88
CA THR A 848 -20.48 -20.69 14.01
C THR A 848 -21.77 -21.46 14.29
N LYS A 849 -22.10 -22.45 13.46
CA LYS A 849 -23.17 -23.43 13.77
C LYS A 849 -22.96 -24.05 15.16
N GLY A 850 -21.70 -24.33 15.53
CA GLY A 850 -21.34 -24.91 16.84
C GLY A 850 -21.34 -23.90 17.98
N GLY A 851 -21.69 -22.63 17.72
CA GLY A 851 -21.86 -21.61 18.76
C GLY A 851 -20.55 -20.96 19.18
N GLU A 852 -19.52 -20.95 18.33
CA GLU A 852 -18.19 -20.38 18.70
C GLU A 852 -17.97 -19.04 17.98
N ALA A 853 -17.17 -18.18 18.58
CA ALA A 853 -16.67 -16.95 17.92
C ALA A 853 -15.53 -16.39 18.76
N ARG A 854 -14.64 -15.66 18.10
CA ARG A 854 -13.49 -15.00 18.76
CA ARG A 854 -13.49 -15.01 18.77
C ARG A 854 -13.26 -13.65 18.10
N GLY A 855 -12.85 -12.66 18.89
CA GLY A 855 -12.51 -11.33 18.40
C GLY A 855 -11.56 -10.64 19.33
N GLU A 856 -11.15 -9.43 18.98
CA GLU A 856 -10.24 -8.70 19.89
C GLU A 856 -10.42 -7.20 19.73
N LEU A 857 -9.88 -6.48 20.70
CA LEU A 857 -9.86 -5.01 20.72
C LEU A 857 -8.48 -4.58 21.21
N PHE A 858 -7.85 -3.70 20.46
CA PHE A 858 -6.65 -2.95 20.90
C PHE A 858 -7.09 -1.50 21.13
N TRP A 859 -6.72 -0.92 22.26
CA TRP A 859 -7.09 0.48 22.57
C TRP A 859 -5.90 1.21 23.21
N ASP A 860 -5.60 2.42 22.74
CA ASP A 860 -4.60 3.30 23.37
C ASP A 860 -5.14 4.74 23.30
N ASP A 861 -4.30 5.74 23.53
CA ASP A 861 -4.80 7.14 23.58
C ASP A 861 -4.96 7.67 22.14
N GLY A 862 -4.62 6.87 21.13
CA GLY A 862 -4.92 7.25 19.75
C GLY A 862 -3.82 8.05 19.09
N GLU A 863 -2.79 8.53 19.81
CA GLU A 863 -1.79 9.40 19.13
C GLU A 863 -0.39 9.40 19.75
N SER A 864 -0.17 8.91 20.97
CA SER A 864 1.19 8.99 21.59
C SER A 864 2.18 8.09 20.87
N LEU A 865 3.44 8.48 20.94
CA LEU A 865 4.60 7.69 20.48
C LEU A 865 4.92 6.60 21.52
N GLU A 866 5.46 5.47 21.07
CA GLU A 866 6.13 4.44 21.92
C GLU A 866 5.10 3.76 22.82
N VAL A 867 3.86 3.67 22.37
CA VAL A 867 2.78 3.07 23.18
C VAL A 867 3.14 1.63 23.57
N LEU A 868 3.49 0.80 22.59
CA LEU A 868 3.72 -0.66 22.80
C LEU A 868 4.93 -0.84 23.74
N GLU A 869 6.03 -0.13 23.47
CA GLU A 869 7.26 -0.17 24.30
C GLU A 869 6.92 0.22 25.74
N ARG A 870 6.06 1.21 25.96
CA ARG A 870 5.74 1.73 27.31
C ARG A 870 4.57 0.96 27.97
N GLY A 871 3.84 0.14 27.21
CA GLY A 871 2.67 -0.63 27.72
C GLY A 871 1.43 0.22 27.98
N ALA A 872 1.29 1.35 27.28
CA ALA A 872 0.23 2.36 27.51
C ALA A 872 -0.97 1.99 26.64
N TYR A 873 -1.47 0.77 26.79
CA TYR A 873 -2.58 0.28 25.95
C TYR A 873 -3.36 -0.79 26.74
N THR A 874 -4.56 -1.04 26.24
CA THR A 874 -5.47 -2.12 26.68
C THR A 874 -5.62 -3.08 25.50
N GLN A 875 -5.60 -4.36 25.79
CA GLN A 875 -5.82 -5.44 24.80
C GLN A 875 -6.78 -6.48 25.39
N VAL A 876 -7.88 -6.72 24.71
CA VAL A 876 -8.95 -7.61 25.23
C VAL A 876 -9.32 -8.60 24.12
N ILE A 877 -9.52 -9.87 24.50
CA ILE A 877 -10.05 -10.94 23.61
C ILE A 877 -11.50 -11.24 24.03
N PHE A 878 -12.38 -11.39 23.05
CA PHE A 878 -13.80 -11.79 23.23
C PHE A 878 -13.97 -13.23 22.74
N LEU A 879 -14.69 -14.05 23.50
CA LEU A 879 -14.89 -15.49 23.19
C LEU A 879 -16.35 -15.82 23.41
N ALA A 880 -16.99 -16.37 22.38
CA ALA A 880 -18.33 -16.99 22.44
C ALA A 880 -18.15 -18.51 22.40
N ARG A 881 -18.87 -19.22 23.26
CA ARG A 881 -18.78 -20.70 23.45
C ARG A 881 -19.97 -21.13 24.30
N ASN A 882 -20.73 -22.11 23.83
CA ASN A 882 -21.78 -22.79 24.65
C ASN A 882 -22.72 -21.73 25.28
N ASN A 883 -23.26 -20.83 24.46
CA ASN A 883 -24.30 -19.85 24.87
C ASN A 883 -23.75 -18.90 25.94
N THR A 884 -22.45 -18.57 25.86
CA THR A 884 -21.78 -17.58 26.74
C THR A 884 -20.86 -16.71 25.89
N ILE A 885 -20.73 -15.45 26.29
CA ILE A 885 -19.71 -14.50 25.75
C ILE A 885 -18.92 -13.95 26.94
N VAL A 886 -17.60 -14.03 26.86
CA VAL A 886 -16.67 -13.54 27.90
C VAL A 886 -15.60 -12.71 27.21
N ASN A 887 -14.94 -11.88 28.01
CA ASN A 887 -13.69 -11.18 27.66
C ASN A 887 -12.56 -11.83 28.43
N GLU A 888 -11.38 -11.79 27.83
CA GLU A 888 -10.11 -12.25 28.43
CA GLU A 888 -10.11 -12.25 28.44
C GLU A 888 -9.16 -11.05 28.39
N LEU A 889 -8.65 -10.66 29.55
CA LEU A 889 -7.90 -9.40 29.69
C LEU A 889 -6.43 -9.71 29.44
N VAL A 890 -5.91 -9.34 28.27
CA VAL A 890 -4.46 -9.53 27.95
C VAL A 890 -3.68 -8.41 28.65
N ARG A 891 -4.15 -7.18 28.53
CA ARG A 891 -3.53 -6.05 29.25
C ARG A 891 -4.62 -5.01 29.49
N VAL A 892 -4.68 -4.49 30.71
CA VAL A 892 -5.59 -3.37 30.99
C VAL A 892 -4.76 -2.27 31.66
N THR A 893 -4.83 -1.06 31.14
CA THR A 893 -4.14 0.13 31.70
C THR A 893 -5.14 1.26 31.64
N SER A 894 -4.73 2.46 32.07
CA SER A 894 -5.62 3.65 32.21
C SER A 894 -6.26 3.98 30.86
N GLU A 895 -5.49 3.86 29.77
CA GLU A 895 -6.02 3.99 28.39
C GLU A 895 -6.79 2.70 28.08
N GLY A 896 -8.11 2.74 28.26
CA GLY A 896 -9.01 1.59 27.98
C GLY A 896 -9.81 1.14 29.19
N ALA A 897 -9.42 1.57 30.39
CA ALA A 897 -10.07 1.15 31.65
C ALA A 897 -11.52 1.67 31.72
N GLY A 898 -11.82 2.81 31.09
CA GLY A 898 -13.15 3.45 31.20
C GLY A 898 -14.09 3.01 30.09
N LEU A 899 -13.67 2.09 29.21
CA LEU A 899 -14.46 1.74 28.00
C LEU A 899 -15.74 1.02 28.41
N GLN A 900 -16.89 1.57 28.03
CA GLN A 900 -18.25 1.07 28.40
C GLN A 900 -18.77 0.17 27.28
N LEU A 901 -19.19 -1.03 27.63
CA LEU A 901 -19.86 -1.95 26.67
C LEU A 901 -21.35 -1.90 26.99
N GLN A 902 -22.18 -1.48 26.03
CA GLN A 902 -23.60 -1.27 26.32
C GLN A 902 -24.49 -2.14 25.45
N LYS A 903 -23.95 -2.78 24.42
CA LYS A 903 -24.79 -3.61 23.53
C LYS A 903 -24.00 -4.83 23.02
N VAL A 904 -24.66 -5.97 23.05
CA VAL A 904 -24.10 -7.23 22.47
C VAL A 904 -25.14 -7.78 21.49
N THR A 905 -24.77 -7.82 20.22
CA THR A 905 -25.63 -8.34 19.13
C THR A 905 -25.07 -9.69 18.71
N VAL A 906 -25.85 -10.74 18.89
CA VAL A 906 -25.42 -12.14 18.61
C VAL A 906 -26.15 -12.62 17.34
N LEU A 907 -25.39 -13.07 16.34
CA LEU A 907 -25.93 -13.51 15.04
C LEU A 907 -25.86 -15.05 14.99
N GLY A 908 -26.89 -15.70 14.42
CA GLY A 908 -26.96 -17.18 14.31
C GLY A 908 -27.45 -17.86 15.59
N VAL A 909 -28.39 -17.23 16.31
CA VAL A 909 -29.06 -17.80 17.51
C VAL A 909 -30.36 -18.46 17.04
N ALA A 910 -30.39 -19.79 17.01
CA ALA A 910 -31.40 -20.58 16.27
C ALA A 910 -32.76 -20.52 16.99
N THR A 911 -32.76 -20.33 18.30
CA THR A 911 -34.02 -20.40 19.11
C THR A 911 -34.08 -19.24 20.13
N ALA A 912 -35.28 -18.65 20.26
CA ALA A 912 -35.61 -17.59 21.24
C ALA A 912 -35.13 -18.06 22.61
N PRO A 913 -34.24 -17.30 23.31
CA PRO A 913 -33.87 -17.67 24.67
C PRO A 913 -35.06 -17.36 25.61
N GLN A 914 -35.17 -18.12 26.70
CA GLN A 914 -36.13 -17.82 27.79
C GLN A 914 -35.48 -16.84 28.77
N GLN A 915 -34.16 -16.86 28.90
CA GLN A 915 -33.46 -15.88 29.77
C GLN A 915 -32.09 -15.49 29.18
N VAL A 916 -31.74 -14.24 29.38
CA VAL A 916 -30.41 -13.66 29.07
C VAL A 916 -29.87 -13.05 30.37
N LEU A 917 -28.69 -13.48 30.78
CA LEU A 917 -27.99 -13.05 32.00
C LEU A 917 -26.76 -12.23 31.63
N SER A 918 -26.50 -11.19 32.42
CA SER A 918 -25.22 -10.45 32.42
C SER A 918 -24.65 -10.53 33.83
N ASN A 919 -23.50 -11.17 34.00
CA ASN A 919 -22.84 -11.44 35.31
C ASN A 919 -23.86 -12.07 36.27
N GLY A 920 -24.70 -12.98 35.78
CA GLY A 920 -25.58 -13.81 36.63
C GLY A 920 -26.92 -13.16 36.88
N VAL A 921 -27.14 -11.94 36.39
CA VAL A 921 -28.41 -11.18 36.62
C VAL A 921 -29.14 -11.02 35.31
N PRO A 922 -30.46 -11.28 35.31
CA PRO A 922 -31.29 -11.07 34.11
C PRO A 922 -31.10 -9.65 33.57
N VAL A 923 -30.86 -9.50 32.27
CA VAL A 923 -30.47 -8.17 31.71
C VAL A 923 -31.70 -7.25 31.75
N SER A 924 -31.48 -5.94 31.68
CA SER A 924 -32.53 -4.90 31.62
C SER A 924 -33.47 -5.20 30.46
N ASN A 925 -32.94 -5.48 29.27
CA ASN A 925 -33.79 -5.99 28.17
C ASN A 925 -32.95 -6.50 26.99
N PHE A 926 -33.59 -7.32 26.18
CA PHE A 926 -33.04 -7.97 24.98
C PHE A 926 -34.19 -8.12 24.01
N THR A 927 -33.88 -8.18 22.71
CA THR A 927 -34.85 -8.60 21.66
C THR A 927 -34.28 -9.81 20.92
N TYR A 928 -35.16 -10.72 20.52
CA TYR A 928 -34.81 -11.86 19.64
C TYR A 928 -35.71 -11.77 18.40
N SER A 929 -35.10 -11.80 17.21
CA SER A 929 -35.83 -11.84 15.92
C SER A 929 -35.77 -13.25 15.35
N PRO A 930 -36.90 -13.99 15.29
CA PRO A 930 -36.90 -15.38 14.82
C PRO A 930 -36.58 -15.48 13.33
N ASP A 931 -36.97 -14.46 12.57
CA ASP A 931 -36.76 -14.37 11.10
C ASP A 931 -35.26 -14.24 10.82
N THR A 932 -34.52 -13.41 11.58
CA THR A 932 -33.11 -13.04 11.28
C THR A 932 -32.14 -13.82 12.18
N LYS A 933 -32.63 -14.49 13.23
CA LYS A 933 -31.82 -15.28 14.20
C LYS A 933 -30.87 -14.33 14.96
N VAL A 934 -31.26 -13.08 15.18
CA VAL A 934 -30.41 -12.09 15.89
C VAL A 934 -30.94 -11.90 17.31
N LEU A 935 -30.04 -12.07 18.29
CA LEU A 935 -30.28 -11.78 19.73
C LEU A 935 -29.60 -10.46 20.06
N ASP A 936 -30.36 -9.41 20.40
CA ASP A 936 -29.82 -8.05 20.68
C ASP A 936 -29.98 -7.76 22.18
N ILE A 937 -28.85 -7.58 22.88
CA ILE A 937 -28.76 -7.56 24.37
C ILE A 937 -28.26 -6.20 24.84
N VAL A 939 -26.64 -4.15 27.85
CA VAL A 939 -25.80 -4.46 28.98
C VAL A 939 -25.18 -3.16 29.52
N SER A 940 -24.55 -3.27 30.69
CA SER A 940 -23.77 -2.19 31.36
C SER A 940 -22.47 -2.78 31.85
N LEU A 941 -21.52 -3.01 30.94
CA LEU A 941 -20.26 -3.70 31.26
C LEU A 941 -19.09 -2.81 30.83
N LEU A 942 -17.90 -3.19 31.29
CA LEU A 942 -16.62 -2.50 31.02
C LEU A 942 -15.72 -3.45 30.23
N MET A 943 -15.15 -2.97 29.14
CA MET A 943 -14.24 -3.79 28.30
C MET A 943 -13.11 -4.33 29.17
N GLY A 944 -12.69 -3.55 30.16
CA GLY A 944 -11.50 -3.82 30.98
C GLY A 944 -11.79 -4.61 32.25
N GLU A 945 -13.02 -5.09 32.46
CA GLU A 945 -13.41 -5.88 33.64
C GLU A 945 -14.07 -7.19 33.19
N GLN A 946 -13.66 -8.32 33.76
CA GLN A 946 -14.18 -9.64 33.35
C GLN A 946 -15.70 -9.66 33.47
N PHE A 947 -16.36 -10.05 32.38
CA PHE A 947 -17.83 -10.22 32.33
C PHE A 947 -18.17 -11.60 31.76
N LEU A 948 -19.42 -11.98 31.97
CA LEU A 948 -19.99 -13.23 31.40
C LEU A 948 -21.43 -12.96 31.05
N VAL A 949 -21.72 -12.97 29.75
CA VAL A 949 -23.10 -12.86 29.24
C VAL A 949 -23.53 -14.27 28.81
N SER A 950 -24.73 -14.72 29.20
CA SER A 950 -25.21 -16.07 28.88
C SER A 950 -26.68 -16.01 28.47
N TRP A 951 -27.13 -16.96 27.68
CA TRP A 951 -28.56 -17.07 27.29
C TRP A 951 -28.92 -18.55 27.16
N CYS A 952 -30.21 -18.84 27.33
CA CYS A 952 -30.75 -20.21 27.20
C CYS A 952 -32.27 -20.13 27.04
#